data_4CO6
#
_entry.id   4CO6
#
_cell.length_a   82.890
_cell.length_b   98.960
_cell.length_c   156.910
_cell.angle_alpha   90.00
_cell.angle_beta   90.00
_cell.angle_gamma   90.00
#
_symmetry.space_group_name_H-M   'P 21 21 21'
#
loop_
_entity.id
_entity.type
_entity.pdbx_description
1 polymer NUCLEOPROTEIN
2 polymer PHOSPHOPROTEIN
3 non-polymer 'CHLORIDE ION'
4 non-polymer 'BROMIDE ION'
5 water water
#
loop_
_entity_poly.entity_id
_entity_poly.type
_entity_poly.pdbx_seq_one_letter_code
_entity_poly.pdbx_strand_id
1 'polypeptide(L)'
;GA(MSE)ATTKIRIFVPATNSPELRWELTLFALDVIRSPSAAES(MSE)KVGAAFTLIS(MSE)YSERPGALIRSLLNDP
DIEAVIIDVGS(MSE)VNGIPV(MSE)ERRGDKAQEE(MSE)EGL(MSE)RILKTARDSSKGKTPFVDSRAYGLRITD
(MSE)STLVSAVITIEAQIWILIAKAVTAPDTAEESETRRWAKYVQQKRVNPFFALTQQWLTE(MSE)RNLLSQSLSVRK
F(MSE)VEILIEVKKGGSAKGRAVEIISDIGNYVEETG(MSE)AGFFATIRFGLETRYPALALNEFQSDLNTIKSL
(MSE)LLYREIGPRAPY(MSE)VLLEESIQTKFAPGGYPLLWSFA(MSE)GVATTIDRS(MSE)GALNINRGYLEP
(MSE)YFRLGQKSARHHAGGIDQN(MSE)ANRLG
;
A,B,C
2 'polypeptide(L)' GAMDKLELVNDGLNIIDFIQKNQKEIQKTYGRSSIQQPSIKDQTKAWEDFLQ D,E,F
#
loop_
_chem_comp.id
_chem_comp.type
_chem_comp.name
_chem_comp.formula
BR non-polymer 'BROMIDE ION' 'Br -1'
CL non-polymer 'CHLORIDE ION' 'Cl -1'
#
# COMPACT_ATOMS: atom_id res chain seq x y z
N THR A 5 14.64 -9.45 23.18
CA THR A 5 14.52 -10.13 24.46
C THR A 5 13.68 -11.41 24.30
N THR A 6 12.46 -11.39 24.82
CA THR A 6 11.44 -12.38 24.47
C THR A 6 10.83 -12.03 23.13
N LYS A 7 11.38 -12.56 22.04
CA LYS A 7 10.87 -12.22 20.72
C LYS A 7 9.41 -12.61 20.59
N ILE A 8 8.66 -11.80 19.84
CA ILE A 8 7.25 -12.03 19.53
C ILE A 8 6.97 -11.85 18.04
N ARG A 9 6.43 -12.89 17.38
CA ARG A 9 6.09 -12.83 15.96
C ARG A 9 4.73 -12.18 15.71
N ILE A 10 4.71 -11.06 14.99
CA ILE A 10 3.43 -10.41 14.70
C ILE A 10 3.11 -10.36 13.20
N PHE A 11 2.08 -11.09 12.77
CA PHE A 11 1.61 -11.07 11.36
C PHE A 11 0.66 -9.91 11.12
N VAL A 12 0.89 -9.22 10.02
CA VAL A 12 0.27 -7.93 9.74
C VAL A 12 -0.09 -7.87 8.25
N PRO A 13 -1.28 -7.32 7.89
CA PRO A 13 -1.61 -7.37 6.47
C PRO A 13 -0.82 -6.34 5.70
N ALA A 14 -0.45 -6.63 4.46
CA ALA A 14 0.39 -5.72 3.72
C ALA A 14 -0.40 -4.85 2.76
N THR A 15 -1.72 -4.89 2.85
CA THR A 15 -2.58 -4.30 1.84
C THR A 15 -3.92 -3.99 2.48
N ASN A 16 -4.75 -3.18 1.83
CA ASN A 16 -6.10 -2.94 2.34
C ASN A 16 -7.12 -4.00 1.89
N SER A 17 -6.64 -5.01 1.16
CA SER A 17 -7.45 -6.12 0.66
C SER A 17 -8.39 -6.73 1.71
N PRO A 18 -9.71 -6.61 1.50
CA PRO A 18 -10.66 -7.12 2.49
C PRO A 18 -10.51 -8.62 2.77
N GLU A 19 -10.24 -9.37 1.73
CA GLU A 19 -10.14 -10.82 1.82
C GLU A 19 -8.87 -11.24 2.57
N LEU A 20 -7.77 -10.56 2.32
CA LEU A 20 -6.53 -10.86 3.02
C LEU A 20 -6.69 -10.61 4.52
N ARG A 21 -7.25 -9.46 4.86
CA ARG A 21 -7.39 -9.06 6.26
C ARG A 21 -8.36 -9.95 7.00
N TRP A 22 -9.40 -10.41 6.30
CA TRP A 22 -10.42 -11.26 6.91
C TRP A 22 -9.83 -12.65 7.19
N GLU A 23 -9.15 -13.25 6.23
CA GLU A 23 -8.47 -14.51 6.50
C GLU A 23 -7.39 -14.33 7.59
N LEU A 24 -6.67 -13.22 7.56
CA LEU A 24 -5.62 -12.95 8.56
C LEU A 24 -6.21 -12.79 9.95
N THR A 25 -7.34 -12.07 10.03
CA THR A 25 -8.09 -11.99 11.27
C THR A 25 -8.52 -13.36 11.82
N LEU A 26 -8.95 -14.25 10.92
CA LEU A 26 -9.48 -15.55 11.31
C LEU A 26 -8.37 -16.42 11.83
N PHE A 27 -7.25 -16.38 11.13
CA PHE A 27 -6.07 -17.10 11.57
C PHE A 27 -5.66 -16.65 13.00
N ALA A 28 -5.63 -15.35 13.27
CA ALA A 28 -5.25 -14.84 14.61
C ALA A 28 -6.21 -15.35 15.68
N LEU A 29 -7.51 -15.30 15.38
CA LEU A 29 -8.56 -15.89 16.20
C LEU A 29 -8.21 -17.33 16.54
N ASP A 30 -7.69 -18.03 15.53
CA ASP A 30 -7.43 -19.45 15.66
C ASP A 30 -6.17 -19.74 16.44
N VAL A 31 -5.20 -18.84 16.38
CA VAL A 31 -3.97 -19.03 17.14
C VAL A 31 -4.29 -18.96 18.62
N ILE A 32 -5.12 -18.00 19.00
CA ILE A 32 -5.46 -17.77 20.39
C ILE A 32 -6.23 -18.92 21.05
N ARG A 33 -7.02 -19.63 20.24
CA ARG A 33 -7.77 -20.80 20.70
C ARG A 33 -6.96 -22.07 20.47
N SER A 34 -5.75 -21.91 19.95
CA SER A 34 -4.97 -23.09 19.56
C SER A 34 -4.17 -23.70 20.73
N PRO A 35 -4.24 -25.02 20.90
CA PRO A 35 -3.53 -25.74 21.98
C PRO A 35 -2.01 -25.83 21.80
N SER A 36 -1.54 -25.90 20.56
CA SER A 36 -0.11 -26.04 20.31
C SER A 36 0.52 -24.74 19.83
N ALA A 37 -0.04 -23.61 20.26
CA ALA A 37 0.56 -22.31 20.01
C ALA A 37 1.23 -21.79 21.28
N ALA A 38 2.52 -21.50 21.18
CA ALA A 38 3.29 -20.91 22.27
C ALA A 38 2.64 -19.62 22.72
N GLU A 39 2.75 -19.27 24.01
CA GLU A 39 2.11 -18.05 24.49
C GLU A 39 2.66 -16.82 23.77
N SER A 40 3.85 -16.96 23.19
CA SER A 40 4.44 -15.89 22.39
C SER A 40 3.72 -15.69 21.05
N MSE A 41 3.25 -16.79 20.45
CA MSE A 41 2.44 -16.71 19.22
C MSE A 41 1.09 -16.07 19.52
O MSE A 41 0.61 -15.22 18.76
CB MSE A 41 2.22 -18.09 18.59
CG MSE A 41 3.40 -18.62 17.80
SE MSE A 41 3.68 -17.61 16.17
CE MSE A 41 2.00 -18.03 15.31
N LYS A 42 0.48 -16.49 20.63
CA LYS A 42 -0.82 -15.94 21.03
C LYS A 42 -0.75 -14.43 21.28
N VAL A 43 0.33 -13.99 21.95
CA VAL A 43 0.56 -12.56 22.20
C VAL A 43 0.65 -11.78 20.90
N GLY A 44 1.42 -12.30 19.94
CA GLY A 44 1.45 -11.73 18.60
C GLY A 44 0.08 -11.66 17.92
N ALA A 45 -0.74 -12.70 18.08
CA ALA A 45 -2.07 -12.69 17.43
C ALA A 45 -2.97 -11.63 18.04
N ALA A 46 -2.81 -11.38 19.35
CA ALA A 46 -3.53 -10.28 19.98
C ALA A 46 -3.16 -8.94 19.32
N PHE A 47 -1.87 -8.70 19.11
CA PHE A 47 -1.47 -7.48 18.41
C PHE A 47 -2.13 -7.36 17.05
N THR A 48 -2.16 -8.46 16.33
CA THR A 48 -2.75 -8.49 15.00
C THR A 48 -4.24 -8.11 15.04
N LEU A 49 -5.00 -8.73 15.93
CA LEU A 49 -6.41 -8.41 16.14
C LEU A 49 -6.63 -6.96 16.59
N ILE A 50 -5.85 -6.53 17.58
CA ILE A 50 -6.08 -5.22 18.19
C ILE A 50 -5.75 -4.09 17.22
N SER A 51 -4.86 -4.35 16.28
CA SER A 51 -4.43 -3.29 15.37
C SER A 51 -5.07 -3.33 13.99
N MSE A 52 -5.89 -4.34 13.74
CA MSE A 52 -6.44 -4.61 12.40
C MSE A 52 -7.31 -3.47 11.84
O MSE A 52 -7.49 -3.37 10.62
CB MSE A 52 -7.26 -5.91 12.41
CG MSE A 52 -7.77 -6.35 11.04
SE MSE A 52 -6.31 -6.93 9.86
CE MSE A 52 -5.74 -8.50 10.88
N TYR A 53 -7.83 -2.63 12.74
CA TYR A 53 -8.65 -1.50 12.33
C TYR A 53 -7.84 -0.48 11.55
N SER A 54 -6.54 -0.38 11.82
CA SER A 54 -5.75 0.75 11.28
C SER A 54 -5.39 0.61 9.80
N GLU A 55 -5.14 1.74 9.15
CA GLU A 55 -4.69 1.77 7.76
C GLU A 55 -3.52 0.84 7.57
N ARG A 56 -2.48 1.06 8.39
CA ARG A 56 -1.26 0.27 8.33
C ARG A 56 -0.84 -0.26 9.70
N PRO A 57 -1.38 -1.42 10.09
CA PRO A 57 -1.15 -2.07 11.39
C PRO A 57 0.34 -2.27 11.80
N GLY A 58 1.19 -2.74 10.89
CA GLY A 58 2.60 -2.89 11.19
C GLY A 58 3.25 -1.58 11.62
N ALA A 59 2.88 -0.51 10.92
CA ALA A 59 3.34 0.83 11.23
C ALA A 59 2.73 1.34 12.55
N LEU A 60 1.49 0.91 12.83
CA LEU A 60 0.82 1.26 14.09
C LEU A 60 1.60 0.69 15.27
N ILE A 61 1.91 -0.59 15.17
CA ILE A 61 2.62 -1.31 16.21
C ILE A 61 4.05 -0.75 16.43
N ARG A 62 4.80 -0.54 15.36
CA ARG A 62 6.17 0.00 15.47
C ARG A 62 6.24 1.39 16.13
N SER A 63 5.35 2.28 15.71
CA SER A 63 5.35 3.64 16.22
C SER A 63 4.95 3.70 17.69
N LEU A 64 4.15 2.74 18.16
CA LEU A 64 3.61 2.78 19.51
C LEU A 64 4.12 1.71 20.49
N LEU A 65 5.00 0.82 20.06
CA LEU A 65 5.44 -0.19 21.00
C LEU A 65 6.52 0.40 21.92
N ASN A 66 6.12 0.64 23.16
CA ASN A 66 7.01 1.09 24.20
C ASN A 66 7.02 0.02 25.28
N ASP A 67 7.94 -0.93 25.16
CA ASP A 67 7.96 -2.09 26.03
C ASP A 67 9.28 -2.86 25.94
N PRO A 68 10.12 -2.74 26.96
CA PRO A 68 11.46 -3.33 26.99
C PRO A 68 11.46 -4.86 27.17
N ASP A 69 10.38 -5.39 27.72
CA ASP A 69 10.37 -6.81 28.01
C ASP A 69 10.05 -7.69 26.80
N ILE A 70 10.14 -7.12 25.61
CA ILE A 70 9.75 -7.83 24.40
C ILE A 70 10.36 -7.25 23.11
N GLU A 71 10.69 -8.14 22.17
CA GLU A 71 11.10 -7.73 20.82
C GLU A 71 10.09 -8.21 19.78
N ALA A 72 9.42 -7.28 19.11
CA ALA A 72 8.42 -7.62 18.09
C ALA A 72 9.06 -7.80 16.72
N VAL A 73 8.95 -8.99 16.16
CA VAL A 73 9.32 -9.14 14.77
C VAL A 73 8.02 -9.08 13.98
N ILE A 74 7.77 -7.92 13.38
CA ILE A 74 6.58 -7.72 12.59
C ILE A 74 6.77 -8.31 11.20
N ILE A 75 5.83 -9.18 10.84
CA ILE A 75 5.89 -9.93 9.59
C ILE A 75 4.76 -9.55 8.66
N ASP A 76 5.10 -8.93 7.53
CA ASP A 76 4.15 -8.58 6.47
C ASP A 76 3.63 -9.80 5.72
N VAL A 77 2.31 -9.82 5.55
CA VAL A 77 1.61 -10.91 4.92
C VAL A 77 0.90 -10.39 3.67
N GLY A 78 1.34 -10.85 2.51
CA GLY A 78 0.81 -10.39 1.25
C GLY A 78 -0.31 -11.26 0.74
N SER A 79 -0.35 -12.52 1.17
CA SER A 79 -1.43 -13.42 0.80
C SER A 79 -1.54 -14.64 1.71
N MSE A 80 -2.73 -15.25 1.72
CA MSE A 80 -3.05 -16.46 2.51
C MSE A 80 -3.25 -17.66 1.62
O MSE A 80 -4.01 -17.62 0.66
CB MSE A 80 -4.32 -16.25 3.31
CG MSE A 80 -4.48 -14.84 3.89
SE MSE A 80 -3.41 -14.61 5.48
CE MSE A 80 -3.99 -16.19 6.49
N VAL A 81 -2.58 -18.76 1.95
CA VAL A 81 -2.95 -20.03 1.33
C VAL A 81 -3.42 -20.97 2.44
N ASN A 82 -4.56 -21.61 2.20
CA ASN A 82 -5.21 -22.49 3.18
C ASN A 82 -5.26 -21.92 4.60
N GLY A 83 -5.74 -20.67 4.71
CA GLY A 83 -5.99 -20.08 6.00
C GLY A 83 -4.76 -19.65 6.79
N ILE A 84 -3.55 -19.92 6.27
CA ILE A 84 -2.31 -19.49 6.92
C ILE A 84 -1.55 -18.45 6.09
N PRO A 85 -0.80 -17.54 6.77
CA PRO A 85 0.03 -16.54 6.09
C PRO A 85 1.02 -17.16 5.10
N VAL A 86 1.27 -16.50 3.96
CA VAL A 86 2.37 -16.93 3.10
C VAL A 86 3.61 -16.12 3.46
N MSE A 87 4.74 -16.82 3.51
CA MSE A 87 5.96 -16.26 4.05
C MSE A 87 7.02 -16.08 2.95
O MSE A 87 7.25 -16.96 2.14
CB MSE A 87 6.49 -17.16 5.16
CG MSE A 87 5.44 -17.42 6.25
SE MSE A 87 6.12 -17.25 8.06
CE MSE A 87 7.29 -15.71 7.79
N GLU A 88 7.64 -14.90 2.95
CA GLU A 88 8.55 -14.51 1.87
C GLU A 88 9.99 -14.38 2.37
N GLN A 95 8.79 -23.50 4.52
CA GLN A 95 9.64 -24.27 5.41
C GLN A 95 8.82 -25.08 6.40
N GLU A 96 9.49 -25.55 7.46
CA GLU A 96 8.81 -26.15 8.60
C GLU A 96 7.94 -25.09 9.27
N GLU A 97 8.38 -23.84 9.15
CA GLU A 97 7.68 -22.68 9.69
C GLU A 97 6.27 -22.57 9.13
N MSE A 98 6.13 -22.96 7.87
CA MSE A 98 4.85 -23.05 7.20
C MSE A 98 4.03 -24.16 7.83
O MSE A 98 2.83 -23.98 8.14
CB MSE A 98 5.04 -23.32 5.70
CG MSE A 98 4.02 -22.67 4.78
SE MSE A 98 4.34 -20.77 4.47
CE MSE A 98 2.77 -20.43 3.35
N GLU A 99 4.68 -25.30 8.04
CA GLU A 99 4.08 -26.49 8.64
C GLU A 99 3.60 -26.23 10.07
N GLY A 100 4.33 -25.40 10.81
CA GLY A 100 3.97 -25.07 12.18
C GLY A 100 2.66 -24.32 12.23
N LEU A 101 2.53 -23.33 11.36
CA LEU A 101 1.31 -22.56 11.28
C LEU A 101 0.12 -23.42 10.84
N MSE A 102 0.39 -24.53 10.16
CA MSE A 102 -0.69 -25.46 9.84
C MSE A 102 -1.12 -26.23 11.08
O MSE A 102 -2.31 -26.37 11.35
CB MSE A 102 -0.29 -26.43 8.72
CG MSE A 102 -0.31 -25.83 7.32
SE MSE A 102 -2.06 -25.12 6.78
CE MSE A 102 -1.68 -24.82 4.90
N ARG A 103 -0.15 -26.72 11.85
CA ARG A 103 -0.44 -27.43 13.08
C ARG A 103 -1.27 -26.57 14.02
N ILE A 104 -0.97 -25.28 14.05
CA ILE A 104 -1.75 -24.36 14.87
C ILE A 104 -3.23 -24.32 14.44
N LEU A 105 -3.50 -24.30 13.15
CA LEU A 105 -4.89 -24.36 12.68
C LEU A 105 -5.53 -25.71 12.97
N LYS A 106 -4.81 -26.78 12.66
CA LYS A 106 -5.39 -28.12 12.75
C LYS A 106 -5.77 -28.45 14.17
N THR A 107 -4.90 -28.13 15.10
CA THR A 107 -5.16 -28.46 16.50
C THR A 107 -6.24 -27.51 17.03
N ALA A 108 -6.20 -26.25 16.64
CA ALA A 108 -7.26 -25.31 17.02
C ALA A 108 -8.62 -25.85 16.59
N ARG A 109 -8.67 -26.40 15.39
CA ARG A 109 -9.90 -26.92 14.82
C ARG A 109 -10.28 -28.25 15.47
N ASP A 110 -9.40 -29.26 15.37
CA ASP A 110 -9.65 -30.57 15.99
C ASP A 110 -9.93 -30.50 17.49
N SER A 111 -9.33 -29.52 18.17
CA SER A 111 -9.44 -29.41 19.63
C SER A 111 -10.88 -29.37 20.09
N SER A 112 -11.64 -28.42 19.55
CA SER A 112 -13.01 -28.19 20.00
C SER A 112 -14.04 -29.01 19.21
N LYS A 113 -15.19 -29.24 19.84
CA LYS A 113 -16.25 -30.08 19.31
C LYS A 113 -16.84 -29.60 17.98
N GLY A 114 -15.99 -29.35 16.99
CA GLY A 114 -16.46 -28.77 15.74
C GLY A 114 -16.80 -27.30 15.91
N LYS A 115 -16.61 -26.78 17.11
CA LYS A 115 -16.94 -25.37 17.38
C LYS A 115 -15.99 -24.44 16.65
N THR A 116 -16.44 -23.23 16.41
CA THR A 116 -15.59 -22.21 15.82
C THR A 116 -15.41 -21.12 16.88
N PRO A 117 -14.64 -20.06 16.59
CA PRO A 117 -14.61 -19.00 17.60
C PRO A 117 -15.92 -18.20 17.66
N PHE A 118 -16.83 -18.48 16.73
CA PHE A 118 -18.06 -17.70 16.56
C PHE A 118 -19.31 -18.45 16.98
N VAL A 119 -20.24 -17.73 17.61
CA VAL A 119 -21.52 -18.29 18.04
C VAL A 119 -22.32 -18.81 16.83
N ASP A 120 -22.33 -18.01 15.77
CA ASP A 120 -22.85 -18.42 14.48
C ASP A 120 -21.67 -18.92 13.65
N SER A 121 -21.55 -20.24 13.53
CA SER A 121 -20.42 -20.87 12.85
C SER A 121 -20.28 -20.44 11.41
N ARG A 122 -21.40 -20.04 10.82
CA ARG A 122 -21.41 -19.50 9.46
C ARG A 122 -20.37 -18.39 9.28
N ALA A 123 -20.18 -17.56 10.29
CA ALA A 123 -19.20 -16.47 10.27
C ALA A 123 -17.79 -16.96 10.01
N TYR A 124 -17.48 -18.15 10.50
CA TYR A 124 -16.17 -18.72 10.36
C TYR A 124 -15.87 -19.15 8.91
N GLY A 125 -16.89 -19.62 8.19
CA GLY A 125 -16.66 -20.03 6.82
C GLY A 125 -16.83 -18.93 5.78
N LEU A 126 -17.16 -17.74 6.26
CA LEU A 126 -17.56 -16.66 5.39
C LEU A 126 -16.44 -16.07 4.54
N ARG A 127 -16.71 -15.85 3.26
CA ARG A 127 -15.81 -15.10 2.42
C ARG A 127 -16.23 -13.63 2.36
N ILE A 128 -15.35 -12.72 2.78
CA ILE A 128 -15.58 -11.28 2.70
C ILE A 128 -14.71 -10.70 1.61
N THR A 129 -15.29 -9.90 0.72
CA THR A 129 -14.50 -9.13 -0.25
C THR A 129 -14.89 -7.65 -0.33
N ASP A 130 -15.92 -7.25 0.43
CA ASP A 130 -16.37 -5.87 0.46
C ASP A 130 -15.76 -5.14 1.66
N MSE A 131 -15.34 -3.90 1.45
CA MSE A 131 -14.62 -3.15 2.48
C MSE A 131 -15.49 -2.88 3.70
O MSE A 131 -15.02 -2.98 4.83
CB MSE A 131 -14.09 -1.83 1.91
CG MSE A 131 -13.23 -1.06 2.89
SE MSE A 131 -11.66 -2.09 3.47
CE MSE A 131 -10.71 -1.87 1.74
N SER A 132 -16.77 -2.57 3.50
CA SER A 132 -17.59 -2.19 4.65
C SER A 132 -17.93 -3.38 5.52
N THR A 133 -17.85 -4.58 4.94
CA THR A 133 -18.18 -5.78 5.68
C THR A 133 -16.95 -6.18 6.51
N LEU A 134 -15.77 -5.97 5.94
CA LEU A 134 -14.55 -6.18 6.68
C LEU A 134 -14.49 -5.28 7.93
N VAL A 135 -14.58 -3.97 7.70
CA VAL A 135 -14.62 -2.98 8.76
C VAL A 135 -15.57 -3.39 9.88
N SER A 136 -16.83 -3.64 9.52
CA SER A 136 -17.85 -4.09 10.46
C SER A 136 -17.46 -5.35 11.25
N ALA A 137 -16.99 -6.37 10.53
CA ALA A 137 -16.51 -7.58 11.18
C ALA A 137 -15.30 -7.28 12.08
N VAL A 138 -14.35 -6.51 11.58
CA VAL A 138 -13.15 -6.19 12.35
C VAL A 138 -13.45 -5.38 13.62
N ILE A 139 -14.30 -4.38 13.49
CA ILE A 139 -14.72 -3.60 14.65
C ILE A 139 -15.48 -4.45 15.65
N THR A 140 -16.42 -5.24 15.16
CA THR A 140 -17.21 -6.11 16.03
C THR A 140 -16.35 -7.07 16.84
N ILE A 141 -15.35 -7.69 16.21
CA ILE A 141 -14.39 -8.53 16.91
C ILE A 141 -13.54 -7.73 17.92
N GLU A 142 -13.02 -6.59 17.47
CA GLU A 142 -12.21 -5.78 18.36
C GLU A 142 -13.04 -5.28 19.54
N ALA A 143 -14.23 -4.76 19.28
CA ALA A 143 -15.11 -4.31 20.38
C ALA A 143 -15.28 -5.35 21.49
N GLN A 144 -15.35 -6.62 21.14
CA GLN A 144 -15.57 -7.64 22.15
C GLN A 144 -14.33 -7.87 22.97
N ILE A 145 -13.17 -7.63 22.36
CA ILE A 145 -11.89 -7.77 23.06
C ILE A 145 -11.68 -6.61 24.05
N TRP A 146 -11.86 -5.39 23.58
CA TRP A 146 -11.87 -4.22 24.45
C TRP A 146 -12.85 -4.31 25.61
N ILE A 147 -13.96 -5.00 25.42
CA ILE A 147 -14.96 -5.11 26.50
C ILE A 147 -14.39 -5.96 27.66
N LEU A 148 -13.54 -6.92 27.34
CA LEU A 148 -12.80 -7.68 28.35
C LEU A 148 -12.01 -6.75 29.28
N ILE A 149 -11.26 -5.84 28.67
CA ILE A 149 -10.57 -4.77 29.38
C ILE A 149 -11.53 -3.98 30.30
N ALA A 150 -12.77 -3.80 29.87
CA ALA A 150 -13.73 -3.06 30.67
C ALA A 150 -14.11 -3.83 31.92
N LYS A 151 -14.37 -5.14 31.84
CA LYS A 151 -14.84 -5.82 33.06
C LYS A 151 -13.68 -6.26 33.96
N ALA A 152 -12.47 -6.01 33.49
CA ALA A 152 -11.28 -6.25 34.27
C ALA A 152 -11.08 -5.13 35.29
N VAL A 153 -11.10 -3.89 34.83
CA VAL A 153 -10.91 -2.73 35.71
C VAL A 153 -11.97 -2.64 36.80
N THR A 154 -13.23 -3.00 36.50
CA THR A 154 -14.25 -3.02 37.55
C THR A 154 -13.94 -4.08 38.59
N ALA A 155 -14.45 -3.88 39.80
CA ALA A 155 -14.52 -4.96 40.76
C ALA A 155 -15.66 -5.86 40.30
N PRO A 156 -15.55 -7.19 40.54
CA PRO A 156 -16.69 -8.05 40.19
C PRO A 156 -17.83 -7.88 41.19
N ASP A 157 -18.26 -6.63 41.39
CA ASP A 157 -19.37 -6.31 42.26
C ASP A 157 -20.55 -5.78 41.45
N THR A 158 -20.64 -6.18 40.19
CA THR A 158 -21.77 -5.81 39.35
C THR A 158 -22.63 -7.04 39.04
N GLU A 163 -22.14 -8.81 33.07
CA GLU A 163 -23.36 -8.40 32.39
C GLU A 163 -23.10 -8.01 30.94
N THR A 164 -24.19 -7.70 30.25
CA THR A 164 -24.16 -7.62 28.80
C THR A 164 -24.61 -6.27 28.24
N ARG A 165 -25.06 -5.38 29.11
CA ARG A 165 -25.59 -4.07 28.70
C ARG A 165 -24.64 -3.35 27.74
N ARG A 166 -23.36 -3.67 27.85
CA ARG A 166 -22.33 -3.20 26.95
C ARG A 166 -22.61 -3.56 25.47
N TRP A 167 -22.51 -4.85 25.19
CA TRP A 167 -22.69 -5.39 23.87
C TRP A 167 -24.08 -5.03 23.31
N ALA A 168 -25.10 -5.13 24.17
CA ALA A 168 -26.46 -4.83 23.76
C ALA A 168 -26.62 -3.37 23.34
N LYS A 169 -25.92 -2.47 24.02
CA LYS A 169 -25.96 -1.05 23.67
C LYS A 169 -25.44 -0.83 22.26
N TYR A 170 -24.29 -1.44 21.96
CA TYR A 170 -23.66 -1.34 20.64
C TYR A 170 -24.53 -1.94 19.53
N VAL A 171 -25.36 -2.91 19.89
CA VAL A 171 -26.18 -3.59 18.90
C VAL A 171 -27.36 -2.72 18.51
N GLN A 172 -28.12 -2.25 19.49
CA GLN A 172 -29.24 -1.35 19.22
C GLN A 172 -28.75 -0.11 18.48
N GLN A 173 -27.52 0.30 18.79
CA GLN A 173 -26.86 1.42 18.11
C GLN A 173 -26.29 1.04 16.75
N LYS A 174 -26.42 -0.24 16.40
CA LYS A 174 -25.89 -0.77 15.14
C LYS A 174 -24.41 -0.50 14.91
N ARG A 175 -23.67 -0.25 15.99
CA ARG A 175 -22.25 0.04 15.85
C ARG A 175 -21.46 -1.28 15.81
N VAL A 176 -22.15 -2.35 16.19
CA VAL A 176 -21.56 -3.68 16.21
C VAL A 176 -22.48 -4.64 15.46
N ASN A 177 -21.91 -5.68 14.84
CA ASN A 177 -22.69 -6.68 14.10
C ASN A 177 -22.76 -8.04 14.82
N PRO A 178 -23.93 -8.35 15.41
CA PRO A 178 -24.17 -9.55 16.20
C PRO A 178 -23.76 -10.84 15.48
N PHE A 179 -23.75 -10.85 14.15
CA PHE A 179 -23.28 -11.99 13.35
C PHE A 179 -21.85 -12.43 13.72
N PHE A 180 -20.99 -11.47 14.03
CA PHE A 180 -19.58 -11.77 14.28
C PHE A 180 -19.28 -11.89 15.78
N ALA A 181 -20.30 -12.26 16.56
CA ALA A 181 -20.16 -12.50 18.00
C ALA A 181 -19.29 -13.71 18.29
N LEU A 182 -18.34 -13.57 19.21
CA LEU A 182 -17.43 -14.65 19.55
C LEU A 182 -18.02 -15.51 20.63
N THR A 183 -17.73 -16.80 20.61
CA THR A 183 -18.19 -17.71 21.67
C THR A 183 -17.55 -17.35 23.00
N GLN A 184 -18.15 -17.86 24.07
CA GLN A 184 -17.64 -17.67 25.42
C GLN A 184 -16.32 -18.37 25.62
N GLN A 185 -16.21 -19.56 25.05
CA GLN A 185 -14.97 -20.30 25.09
C GLN A 185 -13.84 -19.51 24.44
N TRP A 186 -14.09 -18.88 23.30
CA TRP A 186 -13.04 -18.08 22.68
C TRP A 186 -12.70 -16.85 23.52
N LEU A 187 -13.71 -16.15 24.00
CA LEU A 187 -13.48 -14.93 24.76
C LEU A 187 -12.73 -15.25 26.06
N THR A 188 -12.98 -16.43 26.63
CA THR A 188 -12.28 -16.88 27.82
C THR A 188 -10.80 -17.10 27.53
N GLU A 189 -10.49 -17.56 26.31
CA GLU A 189 -9.11 -17.71 25.88
C GLU A 189 -8.45 -16.36 25.81
N MSE A 190 -9.14 -15.41 25.17
CA MSE A 190 -8.65 -14.05 25.06
C MSE A 190 -8.48 -13.41 26.45
O MSE A 190 -7.45 -12.80 26.72
CB MSE A 190 -9.59 -13.23 24.19
CG MSE A 190 -9.09 -11.83 23.85
SE MSE A 190 -7.37 -11.78 22.89
CE MSE A 190 -6.39 -10.51 24.00
N ARG A 191 -9.48 -13.58 27.32
CA ARG A 191 -9.45 -12.95 28.64
C ARG A 191 -8.33 -13.51 29.50
N ASN A 192 -8.09 -14.81 29.39
CA ASN A 192 -6.94 -15.43 30.00
C ASN A 192 -5.66 -14.73 29.55
N LEU A 193 -5.47 -14.68 28.23
CA LEU A 193 -4.29 -14.05 27.65
C LEU A 193 -4.05 -12.64 28.19
N LEU A 194 -5.11 -11.85 28.28
CA LEU A 194 -5.02 -10.48 28.81
C LEU A 194 -4.55 -10.48 30.27
N SER A 195 -5.13 -11.39 31.06
CA SER A 195 -4.77 -11.53 32.47
C SER A 195 -3.32 -11.91 32.69
N GLN A 196 -2.77 -12.72 31.78
CA GLN A 196 -1.44 -13.30 32.00
C GLN A 196 -0.35 -12.51 31.30
N SER A 197 -0.74 -11.57 30.45
CA SER A 197 0.22 -10.88 29.59
C SER A 197 0.25 -9.36 29.73
N LEU A 198 1.27 -8.87 30.44
CA LEU A 198 1.43 -7.44 30.65
C LEU A 198 1.64 -6.72 29.32
N SER A 199 2.36 -7.37 28.42
CA SER A 199 2.67 -6.78 27.12
C SER A 199 1.42 -6.38 26.34
N VAL A 200 0.47 -7.29 26.20
CA VAL A 200 -0.74 -6.98 25.43
C VAL A 200 -1.48 -5.81 26.07
N ARG A 201 -1.63 -5.84 27.40
CA ARG A 201 -2.31 -4.76 28.10
C ARG A 201 -1.55 -3.46 27.85
N LYS A 202 -0.23 -3.52 27.97
CA LYS A 202 0.63 -2.33 27.80
C LYS A 202 0.40 -1.72 26.44
N PHE A 203 0.35 -2.58 25.44
CA PHE A 203 0.19 -2.08 24.10
C PHE A 203 -1.23 -1.54 23.90
N MSE A 204 -2.22 -2.20 24.49
CA MSE A 204 -3.58 -1.67 24.49
C MSE A 204 -3.63 -0.31 25.14
O MSE A 204 -4.35 0.59 24.69
CB MSE A 204 -4.56 -2.64 25.18
CG MSE A 204 -4.78 -3.92 24.39
SE MSE A 204 -6.06 -5.17 25.15
CE MSE A 204 -7.67 -4.61 24.19
N VAL A 205 -2.84 -0.12 26.21
CA VAL A 205 -2.82 1.16 26.89
C VAL A 205 -2.28 2.23 25.93
N GLU A 206 -1.21 1.90 25.18
CA GLU A 206 -0.74 2.76 24.09
C GLU A 206 -1.86 3.16 23.11
N ILE A 207 -2.66 2.18 22.67
CA ILE A 207 -3.72 2.54 21.76
C ILE A 207 -4.78 3.46 22.39
N LEU A 208 -5.17 3.19 23.62
CA LEU A 208 -6.05 4.10 24.35
C LEU A 208 -5.50 5.51 24.42
N ILE A 209 -4.19 5.64 24.61
CA ILE A 209 -3.58 6.96 24.67
C ILE A 209 -3.55 7.53 23.25
N GLU A 210 -3.11 6.72 22.29
CA GLU A 210 -3.07 7.14 20.89
C GLU A 210 -4.46 7.62 20.40
N VAL A 211 -5.52 6.88 20.74
CA VAL A 211 -6.88 7.23 20.32
C VAL A 211 -7.38 8.55 20.93
N LYS A 212 -7.03 8.79 22.18
CA LYS A 212 -7.41 10.02 22.86
C LYS A 212 -6.77 11.23 22.19
N LYS A 213 -5.64 11.01 21.53
CA LYS A 213 -4.81 12.12 21.06
C LYS A 213 -5.51 13.00 20.00
N GLY A 214 -6.02 12.48 18.88
CA GLY A 214 -5.89 11.12 18.38
C GLY A 214 -5.22 11.24 17.02
N GLY A 215 -6.01 11.29 15.95
CA GLY A 215 -5.49 11.53 14.61
C GLY A 215 -5.82 10.52 13.50
N SER A 216 -6.66 9.54 13.78
CA SER A 216 -7.00 8.56 12.72
C SER A 216 -8.41 8.76 12.15
N ALA A 217 -8.64 8.22 10.95
CA ALA A 217 -9.90 8.39 10.23
C ALA A 217 -10.75 7.15 10.33
N LYS A 218 -10.32 6.23 11.18
CA LYS A 218 -11.08 5.03 11.48
C LYS A 218 -12.11 5.36 12.53
N GLY A 219 -13.10 6.17 12.15
CA GLY A 219 -14.04 6.75 13.08
C GLY A 219 -14.70 5.75 14.00
N ARG A 220 -15.22 4.69 13.41
CA ARG A 220 -16.01 3.72 14.15
C ARG A 220 -15.17 2.94 15.15
N ALA A 221 -13.91 2.67 14.79
CA ALA A 221 -13.02 1.98 15.72
C ALA A 221 -12.72 2.88 16.94
N VAL A 222 -12.21 4.08 16.68
CA VAL A 222 -11.81 4.94 17.77
C VAL A 222 -13.02 5.41 18.59
N GLU A 223 -14.23 5.30 18.03
CA GLU A 223 -15.42 5.53 18.84
C GLU A 223 -15.49 4.51 19.97
N ILE A 224 -15.40 3.24 19.63
CA ILE A 224 -15.60 2.16 20.58
C ILE A 224 -14.43 2.03 21.53
N ILE A 225 -13.22 2.27 21.04
CA ILE A 225 -12.07 2.30 21.91
C ILE A 225 -12.15 3.46 22.92
N SER A 226 -12.60 4.64 22.49
CA SER A 226 -12.83 5.77 23.40
C SER A 226 -13.84 5.49 24.48
N ASP A 227 -14.86 4.72 24.12
CA ASP A 227 -15.93 4.42 25.06
C ASP A 227 -15.36 3.63 26.24
N ILE A 228 -14.56 2.62 25.91
CA ILE A 228 -13.86 1.81 26.90
C ILE A 228 -12.86 2.67 27.70
N GLY A 229 -11.96 3.32 26.96
CA GLY A 229 -10.95 4.16 27.53
C GLY A 229 -11.56 5.09 28.55
N ASN A 230 -12.67 5.72 28.19
CA ASN A 230 -13.33 6.67 29.07
C ASN A 230 -13.93 5.94 30.24
N TYR A 231 -14.31 4.68 30.04
CA TYR A 231 -14.93 3.97 31.15
C TYR A 231 -13.88 3.55 32.15
N VAL A 232 -12.71 3.15 31.65
CA VAL A 232 -11.56 2.81 32.47
C VAL A 232 -11.11 4.00 33.29
N GLU A 233 -11.11 5.20 32.69
CA GLU A 233 -10.69 6.42 33.42
C GLU A 233 -11.66 6.73 34.53
N GLU A 234 -12.93 6.79 34.17
CA GLU A 234 -13.96 7.22 35.09
C GLU A 234 -13.96 6.32 36.29
N THR A 235 -13.81 5.03 36.05
CA THR A 235 -13.93 4.02 37.09
C THR A 235 -12.77 4.03 38.07
N GLY A 236 -11.54 3.99 37.55
CA GLY A 236 -10.34 3.91 38.37
C GLY A 236 -9.95 5.21 39.09
N MSE A 237 -10.37 6.36 38.57
CA MSE A 237 -10.02 7.62 39.20
C MSE A 237 -11.20 8.21 39.96
O MSE A 237 -11.12 9.33 40.45
CB MSE A 237 -9.54 8.64 38.16
CG MSE A 237 -8.34 8.22 37.33
SE MSE A 237 -6.87 7.71 38.47
CE MSE A 237 -5.61 9.13 38.13
N ALA A 238 -12.29 7.46 40.04
CA ALA A 238 -13.54 7.99 40.58
C ALA A 238 -13.40 8.38 42.06
N GLY A 239 -12.68 7.57 42.84
CA GLY A 239 -12.48 7.87 44.26
C GLY A 239 -11.52 9.03 44.50
N PHE A 240 -10.46 9.01 43.71
CA PHE A 240 -9.48 10.07 43.66
C PHE A 240 -10.17 11.41 43.47
N PHE A 241 -10.85 11.60 42.34
CA PHE A 241 -11.48 12.88 42.03
C PHE A 241 -12.68 13.25 42.90
N ALA A 242 -13.45 12.26 43.35
CA ALA A 242 -14.48 12.53 44.33
C ALA A 242 -13.83 13.11 45.60
N THR A 243 -12.69 12.55 45.99
CA THR A 243 -11.96 13.00 47.18
C THR A 243 -11.52 14.43 46.99
N ILE A 244 -10.93 14.71 45.85
CA ILE A 244 -10.50 16.08 45.61
C ILE A 244 -11.69 17.02 45.53
N ARG A 245 -12.74 16.60 44.83
CA ARG A 245 -13.87 17.47 44.56
C ARG A 245 -14.67 17.74 45.84
N PHE A 246 -14.86 16.71 46.67
CA PHE A 246 -15.73 16.81 47.83
C PHE A 246 -14.95 16.91 49.16
N GLY A 247 -13.71 16.43 49.18
CA GLY A 247 -12.88 16.49 50.37
C GLY A 247 -12.05 17.76 50.41
N LEU A 248 -11.46 18.15 49.27
CA LEU A 248 -10.57 19.32 49.17
C LEU A 248 -11.29 20.61 48.71
N GLU A 249 -11.95 20.54 47.55
CA GLU A 249 -12.57 21.70 46.91
C GLU A 249 -13.59 22.42 47.75
N THR A 250 -14.21 21.70 48.66
CA THR A 250 -15.23 22.32 49.49
C THR A 250 -14.60 23.24 50.54
N ARG A 251 -13.30 23.04 50.82
CA ARG A 251 -12.52 23.93 51.65
C ARG A 251 -13.08 24.04 53.06
N TYR A 252 -13.43 22.91 53.65
CA TYR A 252 -13.94 22.92 55.02
C TYR A 252 -12.79 22.96 56.03
N PRO A 253 -12.93 23.81 57.05
CA PRO A 253 -11.87 23.97 58.06
C PRO A 253 -11.55 22.68 58.81
N ALA A 254 -12.42 21.68 58.74
CA ALA A 254 -12.14 20.39 59.38
C ALA A 254 -10.94 19.66 58.77
N LEU A 255 -10.54 20.04 57.54
CA LEU A 255 -9.30 19.54 56.92
C LEU A 255 -8.02 19.84 57.71
N ALA A 256 -8.07 20.85 58.60
CA ALA A 256 -6.90 21.17 59.41
C ALA A 256 -6.74 20.31 60.68
N LEU A 257 -7.65 19.35 60.91
CA LEU A 257 -7.51 18.46 62.07
C LEU A 257 -6.25 17.63 61.89
N ASN A 258 -5.55 17.39 63.01
CA ASN A 258 -4.29 16.66 62.99
C ASN A 258 -4.42 15.34 62.24
N GLU A 259 -5.58 14.69 62.38
CA GLU A 259 -5.74 13.32 61.85
C GLU A 259 -5.79 13.29 60.34
N PHE A 260 -6.02 14.42 59.70
CA PHE A 260 -6.07 14.42 58.24
C PHE A 260 -4.70 14.62 57.60
N GLN A 261 -3.69 14.98 58.38
CA GLN A 261 -2.44 15.46 57.79
C GLN A 261 -1.66 14.40 56.97
N SER A 262 -1.63 13.15 57.40
CA SER A 262 -0.93 12.17 56.57
C SER A 262 -1.66 11.93 55.25
N ASP A 263 -2.99 11.87 55.31
CA ASP A 263 -3.83 11.69 54.10
C ASP A 263 -3.67 12.85 53.14
N LEU A 264 -3.50 14.07 53.67
CA LEU A 264 -3.17 15.23 52.85
C LEU A 264 -1.84 15.11 52.13
N ASN A 265 -0.81 14.60 52.83
CA ASN A 265 0.49 14.32 52.19
C ASN A 265 0.35 13.35 51.03
N THR A 266 -0.30 12.23 51.32
CA THR A 266 -0.53 11.18 50.32
C THR A 266 -1.20 11.72 49.05
N ILE A 267 -2.32 12.41 49.22
CA ILE A 267 -3.07 12.86 48.06
C ILE A 267 -2.31 14.00 47.36
N LYS A 268 -1.49 14.78 48.09
CA LYS A 268 -0.60 15.73 47.40
C LYS A 268 0.42 15.01 46.51
N SER A 269 1.02 13.95 47.02
CA SER A 269 1.92 13.16 46.19
C SER A 269 1.22 12.56 44.96
N LEU A 270 0.04 11.98 45.16
CA LEU A 270 -0.74 11.44 44.05
C LEU A 270 -1.10 12.52 43.03
N MSE A 271 -1.52 13.70 43.51
CA MSE A 271 -1.88 14.78 42.58
C MSE A 271 -0.73 15.31 41.75
O MSE A 271 -0.91 15.66 40.59
CB MSE A 271 -2.54 15.93 43.33
CG MSE A 271 -4.01 15.65 43.64
SE MSE A 271 -4.92 17.15 44.49
CE MSE A 271 -3.90 17.17 46.15
N LEU A 272 0.45 15.37 42.35
CA LEU A 272 1.65 15.74 41.62
C LEU A 272 2.00 14.65 40.60
N LEU A 273 1.74 13.41 40.98
CA LEU A 273 2.00 12.27 40.12
C LEU A 273 1.21 12.43 38.83
N TYR A 274 -0.10 12.60 39.01
CA TYR A 274 -1.04 12.76 37.91
C TYR A 274 -0.57 13.82 36.94
N ARG A 275 0.03 14.88 37.46
CA ARG A 275 0.46 15.98 36.60
C ARG A 275 1.64 15.65 35.71
N GLU A 276 2.57 14.83 36.22
CA GLU A 276 3.80 14.54 35.47
C GLU A 276 3.67 13.29 34.58
N ILE A 277 2.85 12.34 34.98
CA ILE A 277 2.59 11.16 34.14
C ILE A 277 1.75 11.55 32.93
N GLY A 278 0.61 12.20 33.20
CA GLY A 278 -0.28 12.64 32.14
C GLY A 278 -1.43 11.67 31.90
N PRO A 279 -1.62 11.28 30.63
CA PRO A 279 -2.74 10.41 30.27
C PRO A 279 -2.51 8.98 30.72
N ARG A 280 -1.25 8.58 30.91
CA ARG A 280 -0.93 7.21 31.30
C ARG A 280 -1.52 6.87 32.69
N ALA A 281 -1.63 7.88 33.55
CA ALA A 281 -1.99 7.70 34.95
C ALA A 281 -3.32 6.96 35.21
N PRO A 282 -4.42 7.36 34.50
CA PRO A 282 -5.70 6.64 34.71
C PRO A 282 -5.69 5.18 34.23
N TYR A 283 -4.84 4.87 33.26
CA TYR A 283 -4.72 3.52 32.75
C TYR A 283 -3.72 2.65 33.54
N MSE A 284 -3.34 3.10 34.73
CA MSE A 284 -2.41 2.34 35.54
C MSE A 284 -3.10 1.10 36.09
O MSE A 284 -2.47 0.06 36.31
CB MSE A 284 -1.86 3.18 36.68
CG MSE A 284 -0.47 3.77 36.42
SE MSE A 284 0.01 5.06 37.82
CE MSE A 284 1.91 4.73 37.86
N VAL A 285 -4.40 1.22 36.27
CA VAL A 285 -5.27 0.14 36.73
C VAL A 285 -5.25 -1.10 35.84
N LEU A 286 -4.65 -0.99 34.65
CA LEU A 286 -4.54 -2.08 33.69
C LEU A 286 -3.11 -2.59 33.58
N LEU A 287 -2.20 -1.98 34.33
CA LEU A 287 -0.77 -2.28 34.13
C LEU A 287 -0.22 -3.22 35.21
N GLU A 288 1.08 -3.11 35.53
CA GLU A 288 1.71 -3.91 36.60
C GLU A 288 0.86 -3.96 37.86
N GLU A 289 0.80 -5.12 38.50
CA GLU A 289 -0.01 -5.32 39.71
C GLU A 289 0.18 -4.22 40.75
N SER A 290 1.44 -3.95 41.09
CA SER A 290 1.76 -3.06 42.22
C SER A 290 1.40 -1.60 42.01
N ILE A 291 1.03 -1.21 40.80
CA ILE A 291 0.61 0.19 40.61
C ILE A 291 -0.85 0.32 40.25
N GLN A 292 -1.55 -0.79 40.05
CA GLN A 292 -2.98 -0.76 39.66
C GLN A 292 -3.82 0.03 40.65
N THR A 293 -3.37 0.09 41.90
CA THR A 293 -4.16 0.74 42.95
C THR A 293 -3.48 2.01 43.47
N LYS A 294 -2.53 2.53 42.70
CA LYS A 294 -1.90 3.84 42.96
C LYS A 294 -2.86 4.91 43.48
N PHE A 295 -3.97 5.13 42.78
CA PHE A 295 -4.87 6.24 43.09
C PHE A 295 -6.08 5.81 43.90
N ALA A 296 -6.11 4.56 44.33
CA ALA A 296 -7.27 3.99 45.02
C ALA A 296 -7.46 4.67 46.35
N PRO A 297 -8.71 5.00 46.69
CA PRO A 297 -9.01 5.76 47.90
C PRO A 297 -8.61 5.05 49.19
N GLY A 298 -8.46 3.73 49.16
CA GLY A 298 -7.94 2.98 50.32
C GLY A 298 -6.55 3.40 50.81
N GLY A 299 -5.82 4.18 50.02
CA GLY A 299 -4.55 4.75 50.45
C GLY A 299 -4.63 6.06 51.22
N TYR A 300 -5.80 6.68 51.24
CA TYR A 300 -6.03 7.93 51.99
C TYR A 300 -7.45 7.90 52.56
N PRO A 301 -7.74 6.90 53.42
CA PRO A 301 -9.11 6.47 53.76
C PRO A 301 -9.88 7.37 54.70
N LEU A 302 -9.18 8.24 55.43
CA LEU A 302 -9.87 9.13 56.34
C LEU A 302 -10.38 10.32 55.56
N LEU A 303 -9.51 10.89 54.73
CA LEU A 303 -9.92 11.93 53.79
C LEU A 303 -10.99 11.39 52.82
N TRP A 304 -10.82 10.15 52.39
CA TRP A 304 -11.80 9.50 51.52
C TRP A 304 -13.17 9.42 52.25
N SER A 305 -13.18 8.82 53.45
CA SER A 305 -14.40 8.73 54.25
C SER A 305 -15.04 10.10 54.51
N PHE A 306 -14.22 11.11 54.83
CA PHE A 306 -14.71 12.48 55.01
C PHE A 306 -15.43 12.96 53.73
N ALA A 307 -14.74 12.79 52.59
CA ALA A 307 -15.23 13.17 51.27
C ALA A 307 -16.58 12.48 50.93
N MSE A 308 -16.67 11.20 51.25
CA MSE A 308 -17.88 10.39 51.08
CA MSE A 308 -17.90 10.51 50.95
C MSE A 308 -19.05 11.00 51.83
O MSE A 308 -20.20 11.01 51.37
CB MSE A 308 -17.66 8.95 51.62
CB MSE A 308 -17.69 9.00 51.06
CG MSE A 308 -16.58 8.14 50.94
CG MSE A 308 -16.83 8.50 49.89
SE MSE A 308 -16.45 6.33 51.64
SE MSE A 308 -17.25 9.40 48.17
CE MSE A 308 -17.51 5.35 50.31
CE MSE A 308 -15.90 10.78 48.05
N GLY A 309 -18.75 11.44 53.04
CA GLY A 309 -19.74 12.03 53.92
C GLY A 309 -20.27 13.36 53.40
N VAL A 310 -19.38 14.16 52.83
CA VAL A 310 -19.79 15.38 52.14
C VAL A 310 -20.62 15.06 50.86
N ALA A 311 -20.11 14.16 50.03
CA ALA A 311 -20.71 13.88 48.72
C ALA A 311 -22.14 13.40 48.84
N THR A 312 -22.36 12.42 49.71
CA THR A 312 -23.69 11.84 49.88
C THR A 312 -24.64 12.83 50.54
N THR A 313 -24.10 13.81 51.24
CA THR A 313 -24.95 14.81 51.80
C THR A 313 -25.43 15.81 50.75
N ILE A 314 -24.53 16.27 49.87
CA ILE A 314 -24.82 17.46 49.08
C ILE A 314 -25.12 17.19 47.60
N ASP A 315 -24.74 16.03 47.10
CA ASP A 315 -24.87 15.69 45.68
C ASP A 315 -25.79 14.46 45.46
N ARG A 316 -26.85 14.63 44.68
CA ARG A 316 -27.88 13.61 44.54
C ARG A 316 -27.44 12.46 43.63
N SER A 317 -26.31 12.63 42.95
CA SER A 317 -25.75 11.58 42.08
C SER A 317 -24.74 10.66 42.81
N MSE A 318 -24.44 10.97 44.07
CA MSE A 318 -23.38 10.29 44.81
C MSE A 318 -23.89 9.27 45.85
O MSE A 318 -23.13 8.82 46.70
CB MSE A 318 -22.48 11.32 45.51
CG MSE A 318 -21.75 12.27 44.55
SE MSE A 318 -20.65 11.39 43.17
CE MSE A 318 -19.09 10.92 44.27
N GLY A 319 -25.16 8.88 45.75
CA GLY A 319 -25.76 7.92 46.66
C GLY A 319 -25.05 6.59 46.83
N ALA A 320 -24.36 6.14 45.78
CA ALA A 320 -23.58 4.90 45.82
C ALA A 320 -22.56 4.90 46.97
N LEU A 321 -22.06 6.08 47.31
CA LEU A 321 -21.03 6.24 48.31
C LEU A 321 -21.55 6.12 49.77
N ASN A 322 -22.82 5.77 49.95
CA ASN A 322 -23.32 5.49 51.31
C ASN A 322 -22.91 4.10 51.77
N ILE A 323 -22.35 3.31 50.86
CA ILE A 323 -22.07 1.91 51.14
C ILE A 323 -20.59 1.69 51.35
N ASN A 324 -20.27 0.94 52.41
CA ASN A 324 -18.89 0.59 52.72
C ASN A 324 -18.36 -0.50 51.78
N ARG A 325 -17.37 -0.12 50.98
CA ARG A 325 -16.65 -1.04 50.11
C ARG A 325 -15.37 -1.53 50.81
N GLY A 326 -15.24 -1.26 52.11
CA GLY A 326 -14.13 -1.78 52.88
C GLY A 326 -13.33 -0.76 53.67
N TYR A 327 -13.17 0.44 53.11
CA TYR A 327 -12.33 1.47 53.71
C TYR A 327 -13.07 2.57 54.42
N LEU A 328 -14.38 2.41 54.60
CA LEU A 328 -15.16 3.53 55.10
C LEU A 328 -14.90 3.64 56.58
N GLU A 329 -14.56 4.84 57.00
CA GLU A 329 -14.25 5.12 58.40
C GLU A 329 -15.39 5.95 58.98
N PRO A 330 -16.34 5.31 59.67
CA PRO A 330 -17.58 5.95 60.09
C PRO A 330 -17.42 7.30 60.77
N MSE A 331 -16.40 7.47 61.62
CA MSE A 331 -16.20 8.74 62.34
C MSE A 331 -15.89 9.87 61.37
O MSE A 331 -16.32 11.01 61.58
CB MSE A 331 -15.07 8.60 63.38
CG MSE A 331 -14.87 9.86 64.22
SE MSE A 331 -13.63 9.66 65.75
CE MSE A 331 -12.28 8.67 64.82
N TYR A 332 -15.17 9.54 60.32
CA TYR A 332 -14.79 10.56 59.35
C TYR A 332 -15.91 10.82 58.34
N PHE A 333 -16.66 9.77 57.98
CA PHE A 333 -17.90 9.92 57.20
C PHE A 333 -18.88 10.88 57.89
N ARG A 334 -19.22 10.61 59.15
CA ARG A 334 -20.05 11.53 59.93
C ARG A 334 -19.52 12.96 59.95
N LEU A 335 -18.21 13.11 60.09
CA LEU A 335 -17.59 14.44 60.11
C LEU A 335 -17.83 15.20 58.81
N GLY A 336 -17.70 14.48 57.68
CA GLY A 336 -18.10 14.98 56.38
C GLY A 336 -19.56 15.43 56.33
N GLN A 337 -20.46 14.60 56.83
CA GLN A 337 -21.87 14.99 56.81
C GLN A 337 -22.11 16.27 57.59
N LYS A 338 -21.46 16.36 58.75
CA LYS A 338 -21.63 17.48 59.68
C LYS A 338 -21.06 18.78 59.07
N SER A 339 -19.81 18.72 58.59
CA SER A 339 -19.20 19.84 57.86
C SER A 339 -20.05 20.31 56.64
N ALA A 340 -20.65 19.38 55.91
CA ALA A 340 -21.49 19.76 54.75
C ALA A 340 -22.81 20.38 55.19
N ARG A 341 -23.35 19.89 56.29
CA ARG A 341 -24.62 20.42 56.77
C ARG A 341 -24.41 21.82 57.40
N HIS A 342 -23.22 22.05 57.96
CA HIS A 342 -22.84 23.32 58.57
C HIS A 342 -22.59 24.49 57.60
N HIS A 343 -22.11 24.16 56.39
CA HIS A 343 -21.89 25.18 55.37
C HIS A 343 -23.09 25.33 54.40
N ALA A 344 -24.29 25.34 54.96
CA ALA A 344 -25.55 25.48 54.19
C ALA A 344 -25.66 24.43 53.10
N THR B 5 38.93 -10.61 -17.27
CA THR B 5 38.34 -9.32 -16.91
C THR B 5 38.37 -8.33 -18.07
N THR B 6 39.52 -7.68 -18.22
CA THR B 6 39.67 -6.52 -19.10
C THR B 6 39.08 -6.72 -20.52
N LYS B 7 39.39 -7.83 -21.18
CA LYS B 7 39.04 -7.94 -22.60
C LYS B 7 37.59 -8.40 -22.86
N ILE B 8 36.87 -7.61 -23.64
CA ILE B 8 35.46 -7.85 -23.94
C ILE B 8 35.20 -7.70 -25.43
N ARG B 9 34.70 -8.76 -26.08
CA ARG B 9 34.39 -8.69 -27.50
C ARG B 9 32.96 -8.20 -27.68
N ILE B 10 32.79 -7.19 -28.52
CA ILE B 10 31.45 -6.64 -28.76
C ILE B 10 31.09 -6.70 -30.25
N PHE B 11 30.10 -7.50 -30.59
CA PHE B 11 29.68 -7.60 -32.00
C PHE B 11 28.64 -6.57 -32.33
N VAL B 12 28.78 -6.01 -33.52
CA VAL B 12 28.16 -4.75 -33.85
C VAL B 12 27.81 -4.74 -35.36
N PRO B 13 26.61 -4.29 -35.71
CA PRO B 13 26.25 -4.41 -37.14
C PRO B 13 26.98 -3.40 -38.02
N ALA B 14 27.44 -3.86 -39.17
CA ALA B 14 28.22 -3.00 -40.05
C ALA B 14 27.29 -2.31 -41.04
N THR B 15 26.02 -2.69 -41.04
CA THR B 15 25.07 -2.00 -41.91
C THR B 15 23.68 -1.98 -41.31
N ASN B 16 22.76 -1.34 -42.02
CA ASN B 16 21.39 -1.20 -41.53
C ASN B 16 20.47 -2.23 -42.15
N SER B 17 21.05 -3.27 -42.74
CA SER B 17 20.27 -4.41 -43.20
C SER B 17 19.53 -5.00 -42.00
N PRO B 18 18.19 -4.95 -42.04
CA PRO B 18 17.37 -5.36 -40.90
C PRO B 18 17.62 -6.81 -40.52
N GLU B 19 17.61 -7.71 -41.50
CA GLU B 19 17.89 -9.12 -41.22
C GLU B 19 19.25 -9.32 -40.58
N LEU B 20 20.27 -8.63 -41.07
CA LEU B 20 21.58 -8.65 -40.43
C LEU B 20 21.49 -8.33 -38.94
N ARG B 21 20.82 -7.23 -38.60
CA ARG B 21 20.73 -6.78 -37.20
C ARG B 21 19.83 -7.66 -36.34
N TRP B 22 18.89 -8.34 -36.99
CA TRP B 22 18.02 -9.25 -36.28
C TRP B 22 18.74 -10.54 -35.95
N GLU B 23 19.42 -11.11 -36.95
CA GLU B 23 20.15 -12.35 -36.75
C GLU B 23 21.28 -12.10 -35.73
N LEU B 24 21.89 -10.93 -35.81
CA LEU B 24 22.91 -10.55 -34.83
C LEU B 24 22.31 -10.34 -33.44
N THR B 25 21.10 -9.78 -33.37
CA THR B 25 20.40 -9.66 -32.10
C THR B 25 20.12 -11.02 -31.48
N LEU B 26 19.61 -11.95 -32.28
CA LEU B 26 19.33 -13.30 -31.82
C LEU B 26 20.59 -14.03 -31.39
N PHE B 27 21.67 -13.77 -32.09
CA PHE B 27 22.94 -14.36 -31.68
C PHE B 27 23.41 -13.82 -30.31
N ALA B 28 23.20 -12.54 -30.03
CA ALA B 28 23.50 -11.98 -28.71
C ALA B 28 22.62 -12.59 -27.60
N LEU B 29 21.34 -12.83 -27.89
CA LEU B 29 20.46 -13.51 -26.92
C LEU B 29 20.95 -14.91 -26.61
N ASP B 30 21.37 -15.63 -27.65
CA ASP B 30 21.81 -17.00 -27.48
C ASP B 30 23.12 -17.08 -26.72
N VAL B 31 23.97 -16.07 -26.87
CA VAL B 31 25.23 -16.04 -26.13
C VAL B 31 24.96 -15.98 -24.63
N ILE B 32 23.93 -15.22 -24.25
CA ILE B 32 23.57 -15.03 -22.84
C ILE B 32 22.89 -16.27 -22.22
N ARG B 33 22.29 -17.13 -23.05
CA ARG B 33 21.78 -18.41 -22.52
C ARG B 33 22.74 -19.58 -22.74
N SER B 34 23.87 -19.38 -23.42
CA SER B 34 24.78 -20.52 -23.65
C SER B 34 25.60 -20.90 -22.40
N PRO B 35 25.58 -22.19 -22.04
CA PRO B 35 26.34 -22.70 -20.89
C PRO B 35 27.85 -22.69 -21.09
N SER B 36 28.35 -22.29 -22.26
CA SER B 36 29.78 -22.32 -22.50
C SER B 36 30.33 -21.01 -23.08
N ALA B 37 29.56 -19.93 -22.94
CA ALA B 37 30.07 -18.63 -23.31
C ALA B 37 30.82 -18.03 -22.14
N ALA B 38 32.03 -17.54 -22.38
CA ALA B 38 32.77 -16.83 -21.34
C ALA B 38 31.95 -15.63 -20.85
N GLU B 39 32.13 -15.26 -19.59
CA GLU B 39 31.40 -14.12 -19.06
C GLU B 39 31.78 -12.85 -19.83
N SER B 40 32.99 -12.81 -20.35
CA SER B 40 33.43 -11.69 -21.17
C SER B 40 32.64 -11.65 -22.47
N MSE B 41 32.21 -12.81 -22.94
CA MSE B 41 31.37 -12.88 -24.14
C MSE B 41 29.93 -12.44 -23.86
O MSE B 41 29.33 -11.72 -24.66
CB MSE B 41 31.38 -14.29 -24.72
CG MSE B 41 32.67 -14.64 -25.44
SE MSE B 41 32.77 -13.68 -27.13
CE MSE B 41 31.23 -14.50 -27.98
N LYS B 42 29.38 -12.88 -22.73
CA LYS B 42 28.04 -12.48 -22.34
C LYS B 42 27.98 -10.98 -22.07
N VAL B 43 29.05 -10.41 -21.52
CA VAL B 43 29.08 -8.97 -21.31
C VAL B 43 29.03 -8.25 -22.65
N GLY B 44 29.91 -8.63 -23.59
CA GLY B 44 29.78 -8.13 -24.95
C GLY B 44 28.37 -8.33 -25.56
N ALA B 45 27.70 -9.42 -25.22
CA ALA B 45 26.37 -9.69 -25.77
C ALA B 45 25.37 -8.66 -25.24
N ALA B 46 25.44 -8.36 -23.94
CA ALA B 46 24.64 -7.30 -23.33
C ALA B 46 24.89 -5.95 -24.00
N PHE B 47 26.15 -5.63 -24.21
CA PHE B 47 26.52 -4.38 -24.87
C PHE B 47 25.89 -4.30 -26.24
N THR B 48 25.90 -5.42 -26.96
CA THR B 48 25.30 -5.53 -28.29
C THR B 48 23.76 -5.32 -28.30
N LEU B 49 23.05 -6.01 -27.40
CA LEU B 49 21.62 -5.80 -27.23
C LEU B 49 21.31 -4.36 -26.85
N ILE B 50 21.98 -3.86 -25.80
CA ILE B 50 21.73 -2.51 -25.28
C ILE B 50 21.88 -1.40 -26.33
N SER B 51 22.86 -1.53 -27.22
CA SER B 51 23.18 -0.42 -28.11
C SER B 51 22.57 -0.58 -29.48
N MSE B 52 21.86 -1.69 -29.67
CA MSE B 52 21.38 -2.08 -31.00
C MSE B 52 20.42 -1.04 -31.58
O MSE B 52 20.36 -0.86 -32.80
CB MSE B 52 20.72 -3.46 -30.92
CG MSE B 52 20.26 -4.04 -32.26
SE MSE B 52 21.65 -4.29 -33.62
CE MSE B 52 22.44 -5.95 -32.91
N TYR B 53 19.69 -0.33 -30.72
CA TYR B 53 18.75 0.70 -31.19
C TYR B 53 19.44 1.80 -32.01
N SER B 54 20.73 2.02 -31.75
CA SER B 54 21.44 3.11 -32.40
C SER B 54 21.68 2.86 -33.89
N GLU B 55 21.73 3.94 -34.67
CA GLU B 55 22.07 3.83 -36.07
C GLU B 55 23.48 3.25 -36.21
N ARG B 56 24.37 3.59 -35.28
CA ARG B 56 25.73 3.08 -35.28
C ARG B 56 26.17 2.66 -33.89
N PRO B 57 25.76 1.45 -33.47
CA PRO B 57 25.98 0.90 -32.12
C PRO B 57 27.41 1.02 -31.65
N GLY B 58 28.35 0.72 -32.52
CA GLY B 58 29.75 0.78 -32.16
C GLY B 58 30.22 2.19 -31.86
N ALA B 59 29.58 3.18 -32.50
CA ALA B 59 29.93 4.57 -32.21
C ALA B 59 29.29 4.98 -30.88
N LEU B 60 28.12 4.42 -30.57
CA LEU B 60 27.46 4.65 -29.29
C LEU B 60 28.33 4.17 -28.13
N ILE B 61 28.75 2.91 -28.20
CA ILE B 61 29.61 2.31 -27.18
C ILE B 61 30.90 3.10 -27.02
N ARG B 62 31.47 3.54 -28.13
CA ARG B 62 32.75 4.23 -28.09
C ARG B 62 32.67 5.61 -27.44
N SER B 63 31.55 6.29 -27.59
CA SER B 63 31.42 7.66 -27.10
C SER B 63 30.99 7.71 -25.65
N LEU B 64 30.44 6.60 -25.17
CA LEU B 64 29.83 6.54 -23.84
C LEU B 64 30.55 5.62 -22.86
N LEU B 65 31.41 4.73 -23.35
CA LEU B 65 32.15 3.85 -22.45
C LEU B 65 33.09 4.65 -21.58
N ASN B 66 32.83 4.59 -20.28
CA ASN B 66 33.65 5.27 -19.28
C ASN B 66 34.07 4.21 -18.28
N ASP B 67 35.04 3.40 -18.67
CA ASP B 67 35.43 2.27 -17.84
C ASP B 67 36.82 1.76 -18.22
N PRO B 68 37.77 1.94 -17.30
CA PRO B 68 39.17 1.49 -17.38
C PRO B 68 39.31 0.01 -17.03
N ASP B 69 38.28 -0.55 -16.39
CA ASP B 69 38.32 -1.93 -15.93
C ASP B 69 38.19 -2.90 -17.09
N ILE B 70 37.53 -2.48 -18.17
CA ILE B 70 37.47 -3.28 -19.38
C ILE B 70 38.17 -2.60 -20.56
N GLU B 71 38.59 -3.42 -21.51
CA GLU B 71 38.96 -2.97 -22.85
C GLU B 71 37.93 -3.52 -23.86
N ALA B 72 37.21 -2.64 -24.54
CA ALA B 72 36.16 -3.07 -25.47
C ALA B 72 36.67 -3.15 -26.89
N VAL B 73 36.55 -4.33 -27.49
CA VAL B 73 36.97 -4.48 -28.87
C VAL B 73 35.71 -4.66 -29.74
N ILE B 74 35.26 -3.52 -30.26
CA ILE B 74 34.10 -3.48 -31.13
C ILE B 74 34.46 -4.18 -32.44
N ILE B 75 33.70 -5.23 -32.76
CA ILE B 75 33.99 -6.07 -33.93
C ILE B 75 32.87 -5.97 -34.95
N ASP B 76 33.14 -5.23 -36.00
CA ASP B 76 32.14 -5.01 -37.02
C ASP B 76 31.79 -6.33 -37.70
N VAL B 77 30.49 -6.51 -37.93
CA VAL B 77 29.93 -7.70 -38.56
C VAL B 77 29.09 -7.30 -39.75
N GLY B 78 29.53 -7.67 -40.96
CA GLY B 78 28.80 -7.36 -42.18
C GLY B 78 28.03 -8.53 -42.80
N SER B 79 28.28 -9.74 -42.35
CA SER B 79 27.67 -10.92 -42.92
C SER B 79 27.41 -11.95 -41.85
N MSE B 80 26.36 -12.74 -42.04
CA MSE B 80 26.11 -13.90 -41.21
C MSE B 80 26.20 -15.11 -42.08
O MSE B 80 25.95 -15.04 -43.28
CB MSE B 80 24.74 -13.84 -40.54
CG MSE B 80 24.41 -12.52 -39.88
SE MSE B 80 25.32 -12.18 -38.17
CE MSE B 80 24.33 -13.31 -36.94
N VAL B 81 26.58 -16.24 -41.49
CA VAL B 81 26.54 -17.53 -42.15
C VAL B 81 26.05 -18.53 -41.13
N ASN B 82 25.02 -19.28 -41.48
CA ASN B 82 24.42 -20.28 -40.58
C ASN B 82 24.18 -19.75 -39.16
N GLY B 83 23.75 -18.49 -39.04
CA GLY B 83 23.44 -17.90 -37.76
C GLY B 83 24.56 -17.12 -37.03
N ILE B 84 25.82 -17.40 -37.36
CA ILE B 84 26.94 -16.73 -36.66
C ILE B 84 27.64 -15.68 -37.52
N PRO B 85 28.13 -14.61 -36.88
CA PRO B 85 28.91 -13.56 -37.53
C PRO B 85 30.10 -14.09 -38.35
N VAL B 86 30.37 -13.46 -39.48
CA VAL B 86 31.59 -13.75 -40.18
C VAL B 86 32.65 -12.83 -39.62
N MSE B 87 33.78 -13.44 -39.23
CA MSE B 87 34.91 -12.72 -38.65
C MSE B 87 35.81 -12.20 -39.74
O MSE B 87 36.49 -12.98 -40.41
CB MSE B 87 35.71 -13.63 -37.74
CG MSE B 87 35.01 -14.03 -36.49
SE MSE B 87 34.71 -12.52 -35.38
CE MSE B 87 34.70 -13.46 -33.68
N GLU B 88 35.82 -10.89 -39.91
CA GLU B 88 36.59 -10.28 -40.97
C GLU B 88 38.08 -10.44 -40.75
N ARG B 89 38.62 -9.64 -39.84
CA ARG B 89 40.06 -9.58 -39.65
C ARG B 89 40.59 -10.84 -39.01
N ARG B 90 41.58 -11.47 -39.66
CA ARG B 90 42.17 -12.72 -39.20
C ARG B 90 42.96 -12.54 -37.91
N ASP B 92 44.31 -16.35 -40.01
CA ASP B 92 44.93 -16.55 -38.70
C ASP B 92 43.88 -16.77 -37.63
N LYS B 93 43.60 -15.73 -36.84
CA LYS B 93 42.62 -15.85 -35.77
C LYS B 93 41.19 -16.08 -36.27
N ALA B 94 40.88 -15.62 -37.47
CA ALA B 94 39.50 -15.50 -37.96
C ALA B 94 38.64 -16.76 -37.83
N GLN B 95 39.13 -17.89 -38.32
CA GLN B 95 38.31 -19.10 -38.44
C GLN B 95 38.20 -19.92 -37.15
N GLU B 96 39.12 -19.69 -36.20
CA GLU B 96 39.02 -20.35 -34.89
C GLU B 96 38.04 -19.60 -34.00
N GLU B 97 37.90 -18.29 -34.22
CA GLU B 97 36.91 -17.52 -33.46
C GLU B 97 35.50 -17.93 -33.84
N MSE B 98 35.28 -18.19 -35.13
CA MSE B 98 33.97 -18.63 -35.60
C MSE B 98 33.69 -20.07 -35.14
O MSE B 98 32.54 -20.43 -34.92
CB MSE B 98 33.88 -18.55 -37.13
CG MSE B 98 33.78 -17.12 -37.65
SE MSE B 98 33.90 -17.03 -39.59
CE MSE B 98 32.28 -18.03 -40.02
N GLU B 99 34.75 -20.86 -35.00
CA GLU B 99 34.66 -22.17 -34.38
C GLU B 99 34.05 -22.01 -32.98
N GLY B 100 34.53 -21.00 -32.26
CA GLY B 100 34.04 -20.73 -30.92
C GLY B 100 32.69 -20.03 -30.86
N LEU B 101 32.29 -19.37 -31.94
CA LEU B 101 30.97 -18.73 -31.94
C LEU B 101 29.88 -19.75 -32.26
N MSE B 102 30.16 -20.65 -33.20
CA MSE B 102 29.24 -21.74 -33.54
C MSE B 102 29.02 -22.62 -32.31
O MSE B 102 27.91 -23.10 -32.09
CB MSE B 102 29.75 -22.58 -34.72
CG MSE B 102 29.74 -21.92 -36.11
SE MSE B 102 30.84 -22.88 -37.46
CE MSE B 102 30.66 -21.69 -38.99
N ARG B 103 30.08 -22.84 -31.54
CA ARG B 103 30.01 -23.65 -30.33
C ARG B 103 29.07 -23.03 -29.32
N ILE B 104 29.10 -21.71 -29.24
CA ILE B 104 28.23 -20.94 -28.35
C ILE B 104 26.76 -20.99 -28.84
N LEU B 105 26.57 -20.93 -30.15
CA LEU B 105 25.25 -21.08 -30.73
C LEU B 105 24.75 -22.54 -30.54
N LYS B 106 25.62 -23.51 -30.84
CA LYS B 106 25.25 -24.92 -30.80
C LYS B 106 24.81 -25.38 -29.41
N THR B 107 25.63 -25.10 -28.40
CA THR B 107 25.35 -25.56 -27.04
C THR B 107 24.16 -24.80 -26.42
N ALA B 108 24.02 -23.52 -26.76
CA ALA B 108 22.87 -22.74 -26.29
C ALA B 108 21.55 -23.41 -26.67
N ARG B 109 21.42 -23.84 -27.92
CA ARG B 109 20.19 -24.50 -28.38
C ARG B 109 20.07 -25.93 -27.82
N ASP B 110 21.18 -26.66 -27.85
CA ASP B 110 21.23 -28.04 -27.37
C ASP B 110 20.89 -28.20 -25.89
N SER B 111 21.22 -27.19 -25.09
CA SER B 111 21.07 -27.27 -23.65
C SER B 111 19.75 -26.63 -23.22
N SER B 112 19.16 -25.84 -24.11
CA SER B 112 17.76 -25.47 -23.93
C SER B 112 16.99 -26.76 -24.00
N LYS B 113 15.83 -26.83 -23.36
CA LYS B 113 15.07 -28.07 -23.38
C LYS B 113 13.88 -27.89 -24.32
N GLY B 114 14.18 -27.47 -25.54
CA GLY B 114 13.17 -27.20 -26.55
C GLY B 114 12.66 -25.77 -26.43
N LYS B 115 13.28 -25.00 -25.55
CA LYS B 115 12.84 -23.64 -25.34
C LYS B 115 13.70 -22.68 -26.16
N THR B 116 13.07 -21.64 -26.68
CA THR B 116 13.80 -20.55 -27.30
C THR B 116 13.99 -19.44 -26.23
N PRO B 117 14.58 -18.30 -26.60
CA PRO B 117 14.52 -17.21 -25.62
C PRO B 117 13.16 -16.49 -25.55
N PHE B 118 12.24 -16.75 -26.50
CA PHE B 118 10.97 -15.99 -26.54
C PHE B 118 9.80 -16.81 -26.00
N VAL B 119 8.80 -16.13 -25.45
CA VAL B 119 7.57 -16.76 -24.98
C VAL B 119 6.78 -17.33 -26.16
N ASP B 120 6.65 -16.53 -27.20
CA ASP B 120 6.11 -17.03 -28.47
C ASP B 120 7.29 -17.55 -29.27
N SER B 121 7.47 -18.86 -29.30
CA SER B 121 8.61 -19.49 -29.98
C SER B 121 8.79 -19.14 -31.46
N ARG B 122 7.70 -18.83 -32.15
CA ARG B 122 7.82 -18.43 -33.55
C ARG B 122 8.73 -17.19 -33.73
N ALA B 123 8.84 -16.38 -32.68
CA ALA B 123 9.70 -15.19 -32.67
C ALA B 123 11.15 -15.51 -33.00
N TYR B 124 11.66 -16.59 -32.41
CA TYR B 124 13.01 -17.06 -32.63
C TYR B 124 13.37 -17.36 -34.09
N GLY B 125 12.39 -17.83 -34.85
CA GLY B 125 12.62 -18.19 -36.23
C GLY B 125 12.08 -17.15 -37.19
N LEU B 126 11.69 -15.98 -36.72
CA LEU B 126 11.23 -14.94 -37.63
C LEU B 126 12.30 -14.48 -38.62
N ARG B 127 11.91 -14.33 -39.87
CA ARG B 127 12.71 -13.62 -40.86
C ARG B 127 12.17 -12.19 -40.95
N ILE B 128 13.04 -11.19 -40.80
CA ILE B 128 12.62 -9.79 -40.87
C ILE B 128 13.05 -9.09 -42.16
N THR B 129 12.09 -8.60 -42.94
CA THR B 129 12.40 -7.95 -44.21
C THR B 129 12.38 -6.42 -44.19
N ASP B 130 11.81 -5.82 -43.14
CA ASP B 130 11.65 -4.38 -43.10
C ASP B 130 12.00 -3.72 -41.75
N MSE B 131 12.53 -2.50 -41.84
CA MSE B 131 13.11 -1.82 -40.68
C MSE B 131 12.20 -1.78 -39.44
O MSE B 131 12.66 -2.07 -38.33
CB MSE B 131 13.51 -0.39 -41.06
CG MSE B 131 14.34 0.30 -39.97
SE MSE B 131 16.00 -0.69 -39.59
CE MSE B 131 17.05 0.02 -41.06
N SER B 132 10.93 -1.46 -39.62
CA SER B 132 9.99 -1.23 -38.52
C SER B 132 9.76 -2.47 -37.67
N THR B 133 9.87 -3.64 -38.28
CA THR B 133 9.74 -4.89 -37.52
C THR B 133 11.02 -5.10 -36.71
N LEU B 134 12.17 -4.79 -37.31
CA LEU B 134 13.43 -4.85 -36.57
C LEU B 134 13.36 -3.91 -35.37
N VAL B 135 13.07 -2.63 -35.61
CA VAL B 135 12.98 -1.64 -34.53
C VAL B 135 11.98 -2.07 -33.43
N SER B 136 10.82 -2.56 -33.84
CA SER B 136 9.84 -3.07 -32.88
C SER B 136 10.42 -4.22 -32.05
N ALA B 137 11.16 -5.12 -32.70
CA ALA B 137 11.79 -6.24 -32.00
C ALA B 137 12.88 -5.77 -31.04
N VAL B 138 13.63 -4.76 -31.46
CA VAL B 138 14.79 -4.31 -30.72
C VAL B 138 14.35 -3.49 -29.52
N ILE B 139 13.40 -2.59 -29.72
CA ILE B 139 12.87 -1.77 -28.64
C ILE B 139 12.22 -2.67 -27.56
N THR B 140 11.63 -3.78 -27.99
CA THR B 140 10.91 -4.66 -27.06
C THR B 140 11.85 -5.48 -26.21
N ILE B 141 12.89 -5.97 -26.85
CA ILE B 141 13.93 -6.73 -26.18
C ILE B 141 14.66 -5.82 -25.18
N GLU B 142 15.12 -4.68 -25.68
CA GLU B 142 15.79 -3.70 -24.83
C GLU B 142 14.93 -3.25 -23.66
N ALA B 143 13.67 -2.95 -23.93
CA ALA B 143 12.72 -2.55 -22.89
C ALA B 143 12.73 -3.51 -21.71
N GLN B 144 12.89 -4.81 -21.97
CA GLN B 144 12.81 -5.79 -20.91
C GLN B 144 14.10 -5.88 -20.13
N ILE B 145 15.18 -5.53 -20.81
CA ILE B 145 16.46 -5.49 -20.15
C ILE B 145 16.55 -4.24 -19.22
N TRP B 146 15.97 -3.12 -19.66
CA TRP B 146 15.88 -1.90 -18.87
C TRP B 146 14.94 -2.06 -17.68
N ILE B 147 13.95 -2.93 -17.81
CA ILE B 147 13.02 -3.15 -16.71
C ILE B 147 13.70 -3.95 -15.60
N LEU B 148 14.66 -4.81 -15.98
CA LEU B 148 15.49 -5.53 -15.02
C LEU B 148 16.31 -4.57 -14.14
N ILE B 149 16.79 -3.50 -14.73
CA ILE B 149 17.55 -2.49 -14.02
C ILE B 149 16.66 -1.76 -12.99
N ALA B 150 15.44 -1.40 -13.39
CA ALA B 150 14.44 -0.80 -12.51
C ALA B 150 14.04 -1.72 -11.36
N LYS B 151 14.12 -3.02 -11.58
CA LYS B 151 13.64 -3.96 -10.57
C LYS B 151 14.67 -4.03 -9.46
N ALA B 152 15.89 -3.64 -9.81
CA ALA B 152 17.00 -3.63 -8.87
C ALA B 152 16.87 -2.51 -7.86
N VAL B 153 16.58 -1.30 -8.33
CA VAL B 153 16.62 -0.10 -7.49
C VAL B 153 15.60 -0.16 -6.33
N THR B 154 14.46 -0.80 -6.58
CA THR B 154 13.44 -0.99 -5.56
C THR B 154 13.97 -1.75 -4.35
N GLU B 161 4.81 -5.84 -9.27
CA GLU B 161 3.55 -5.08 -9.41
C GLU B 161 3.75 -3.86 -10.28
N SER B 162 4.57 -2.93 -9.80
CA SER B 162 4.88 -1.69 -10.51
C SER B 162 5.34 -1.93 -11.96
N GLU B 163 6.07 -3.01 -12.21
CA GLU B 163 6.54 -3.28 -13.57
C GLU B 163 5.47 -4.00 -14.39
N THR B 164 4.58 -4.72 -13.70
CA THR B 164 3.45 -5.38 -14.32
C THR B 164 2.62 -4.35 -15.06
N ARG B 165 2.25 -3.30 -14.34
CA ARG B 165 1.51 -2.20 -14.90
C ARG B 165 2.28 -1.48 -16.01
N ARG B 166 3.59 -1.35 -15.86
CA ARG B 166 4.37 -0.60 -16.83
C ARG B 166 4.44 -1.30 -18.18
N TRP B 167 4.66 -2.60 -18.14
CA TRP B 167 4.64 -3.43 -19.35
C TRP B 167 3.28 -3.32 -20.03
N ALA B 168 2.24 -3.53 -19.24
CA ALA B 168 0.87 -3.47 -19.73
C ALA B 168 0.61 -2.11 -20.39
N LYS B 169 1.05 -1.04 -19.75
CA LYS B 169 0.90 0.31 -20.29
C LYS B 169 1.65 0.48 -21.63
N TYR B 170 2.87 -0.03 -21.69
CA TYR B 170 3.63 -0.03 -22.95
C TYR B 170 2.91 -0.80 -24.08
N VAL B 171 2.43 -1.99 -23.79
CA VAL B 171 1.65 -2.74 -24.77
C VAL B 171 0.44 -1.95 -25.31
N GLN B 172 -0.41 -1.46 -24.40
CA GLN B 172 -1.51 -0.57 -24.76
C GLN B 172 -1.12 0.56 -25.71
N GLN B 173 0.05 1.13 -25.48
CA GLN B 173 0.45 2.31 -26.21
C GLN B 173 1.16 1.91 -27.49
N LYS B 174 1.28 0.60 -27.73
CA LYS B 174 2.02 0.06 -28.85
C LYS B 174 3.49 0.49 -28.83
N ARG B 175 4.08 0.62 -27.65
CA ARG B 175 5.48 0.98 -27.61
C ARG B 175 6.37 -0.25 -27.44
N VAL B 176 5.76 -1.38 -27.10
CA VAL B 176 6.44 -2.66 -27.16
C VAL B 176 5.52 -3.66 -27.83
N ASN B 177 6.09 -4.81 -28.22
CA ASN B 177 5.39 -5.83 -28.99
C ASN B 177 5.36 -7.16 -28.25
N PRO B 178 4.17 -7.61 -27.83
CA PRO B 178 3.98 -8.87 -27.08
C PRO B 178 4.62 -10.08 -27.75
N PHE B 179 4.71 -10.06 -29.09
CA PHE B 179 5.33 -11.14 -29.87
C PHE B 179 6.83 -11.34 -29.50
N PHE B 180 7.50 -10.26 -29.16
CA PHE B 180 8.92 -10.32 -28.89
C PHE B 180 9.23 -10.36 -27.38
N ALA B 181 8.25 -10.79 -26.59
CA ALA B 181 8.49 -10.95 -25.16
C ALA B 181 9.47 -12.10 -24.94
N LEU B 182 10.35 -11.93 -23.97
CA LEU B 182 11.38 -12.91 -23.62
C LEU B 182 10.87 -13.74 -22.46
N THR B 183 11.31 -14.99 -22.38
CA THR B 183 10.85 -15.88 -21.32
C THR B 183 11.42 -15.52 -19.98
N GLN B 184 10.72 -15.93 -18.93
CA GLN B 184 11.20 -15.76 -17.58
C GLN B 184 12.59 -16.40 -17.42
N GLN B 185 12.80 -17.51 -18.11
CA GLN B 185 14.07 -18.22 -18.04
C GLN B 185 15.24 -17.43 -18.63
N TRP B 186 15.00 -16.72 -19.73
CA TRP B 186 16.06 -15.94 -20.36
C TRP B 186 16.31 -14.70 -19.54
N LEU B 187 15.25 -14.06 -19.07
CA LEU B 187 15.38 -12.82 -18.32
C LEU B 187 16.17 -13.04 -17.02
N THR B 188 16.09 -14.25 -16.48
CA THR B 188 16.84 -14.64 -15.28
C THR B 188 18.35 -14.74 -15.54
N GLU B 189 18.75 -15.22 -16.72
CA GLU B 189 20.17 -15.19 -17.09
C GLU B 189 20.63 -13.76 -17.18
N MSE B 190 19.80 -12.92 -17.80
CA MSE B 190 20.13 -11.52 -18.00
C MSE B 190 20.26 -10.76 -16.68
O MSE B 190 21.16 -9.96 -16.50
CB MSE B 190 19.06 -10.87 -18.88
CG MSE B 190 19.39 -9.45 -19.27
SE MSE B 190 20.97 -9.29 -20.39
CE MSE B 190 22.06 -8.28 -19.15
N ARG B 191 19.33 -11.02 -15.77
CA ARG B 191 19.34 -10.54 -14.40
C ARG B 191 20.65 -10.84 -13.72
N ASN B 192 21.01 -12.12 -13.77
CA ASN B 192 22.22 -12.60 -13.14
C ASN B 192 23.45 -11.93 -13.70
N LEU B 193 23.53 -11.86 -15.03
CA LEU B 193 24.64 -11.19 -15.70
C LEU B 193 24.74 -9.74 -15.22
N LEU B 194 23.60 -9.06 -15.19
CA LEU B 194 23.52 -7.71 -14.67
C LEU B 194 24.01 -7.60 -13.21
N SER B 195 23.58 -8.52 -12.36
CA SER B 195 23.95 -8.52 -10.95
C SER B 195 25.46 -8.71 -10.74
N GLN B 196 26.10 -9.41 -11.66
CA GLN B 196 27.47 -9.83 -11.47
C GLN B 196 28.43 -9.04 -12.36
N SER B 197 27.88 -8.22 -13.26
CA SER B 197 28.69 -7.45 -14.19
C SER B 197 28.55 -5.94 -13.99
N LEU B 198 29.40 -5.38 -13.14
CA LEU B 198 29.42 -3.96 -12.86
C LEU B 198 29.61 -3.12 -14.13
N SER B 199 30.40 -3.61 -15.07
CA SER B 199 30.63 -2.89 -16.33
C SER B 199 29.35 -2.70 -17.13
N VAL B 200 28.52 -3.75 -17.22
CA VAL B 200 27.29 -3.61 -17.98
C VAL B 200 26.45 -2.54 -17.30
N ARG B 201 26.46 -2.52 -15.97
CA ARG B 201 25.65 -1.54 -15.27
C ARG B 201 26.21 -0.13 -15.43
N LYS B 202 27.54 0.01 -15.46
CA LYS B 202 28.16 1.30 -15.70
C LYS B 202 27.69 1.84 -17.04
N PHE B 203 27.85 1.02 -18.07
CA PHE B 203 27.51 1.42 -19.43
C PHE B 203 26.03 1.87 -19.50
N MSE B 204 25.14 1.13 -18.84
CA MSE B 204 23.74 1.51 -18.78
C MSE B 204 23.52 2.84 -18.07
O MSE B 204 22.73 3.66 -18.50
CB MSE B 204 22.91 0.40 -18.12
CG MSE B 204 23.02 -0.94 -18.86
SE MSE B 204 21.74 -2.33 -18.31
CE MSE B 204 22.07 -3.72 -19.62
N VAL B 205 24.24 3.06 -16.98
CA VAL B 205 24.11 4.34 -16.29
C VAL B 205 24.63 5.48 -17.17
N GLU B 206 25.71 5.22 -17.92
CA GLU B 206 26.18 6.21 -18.89
C GLU B 206 25.10 6.59 -19.91
N ILE B 207 24.43 5.60 -20.50
CA ILE B 207 23.27 5.85 -21.36
C ILE B 207 22.16 6.65 -20.67
N LEU B 208 21.85 6.30 -19.42
CA LEU B 208 20.85 7.05 -18.64
C LEU B 208 21.24 8.51 -18.47
N ILE B 209 22.51 8.78 -18.17
CA ILE B 209 22.97 10.15 -18.09
C ILE B 209 22.80 10.83 -19.46
N GLU B 210 23.16 10.11 -20.51
CA GLU B 210 23.12 10.65 -21.87
C GLU B 210 21.71 10.94 -22.37
N VAL B 211 20.83 9.96 -22.20
CA VAL B 211 19.44 10.09 -22.59
C VAL B 211 18.80 11.36 -22.01
N LYS B 212 19.11 11.63 -20.75
CA LYS B 212 18.49 12.78 -20.09
C LYS B 212 19.12 14.09 -20.57
N LYS B 213 20.32 13.99 -21.12
CA LYS B 213 21.14 15.17 -21.43
C LYS B 213 20.58 15.94 -22.62
N GLY B 219 13.60 9.97 -30.07
CA GLY B 219 13.58 8.59 -30.53
C GLY B 219 12.76 7.76 -29.57
N ARG B 220 12.20 6.65 -30.04
CA ARG B 220 11.24 5.93 -29.22
C ARG B 220 11.91 4.90 -28.32
N ALA B 221 13.10 4.45 -28.68
CA ALA B 221 13.85 3.54 -27.81
C ALA B 221 14.28 4.33 -26.59
N VAL B 222 14.82 5.50 -26.86
CA VAL B 222 15.27 6.42 -25.84
C VAL B 222 14.12 6.80 -24.89
N GLU B 223 12.89 6.86 -25.40
CA GLU B 223 11.75 7.26 -24.59
C GLU B 223 11.48 6.26 -23.46
N ILE B 224 11.61 4.96 -23.72
CA ILE B 224 11.46 3.98 -22.64
C ILE B 224 12.64 4.00 -21.66
N ILE B 225 13.84 4.11 -22.21
CA ILE B 225 15.04 4.28 -21.41
C ILE B 225 14.91 5.49 -20.47
N SER B 226 14.43 6.58 -21.03
CA SER B 226 14.16 7.80 -20.27
C SER B 226 13.11 7.59 -19.16
N ASP B 227 12.16 6.68 -19.36
CA ASP B 227 11.14 6.46 -18.34
C ASP B 227 11.73 5.75 -17.15
N ILE B 228 12.53 4.75 -17.45
CA ILE B 228 13.22 3.94 -16.45
C ILE B 228 14.20 4.78 -15.64
N GLY B 229 14.93 5.68 -16.29
CA GLY B 229 15.86 6.53 -15.58
C GLY B 229 15.13 7.43 -14.60
N ASN B 230 13.95 7.91 -14.99
CA ASN B 230 13.17 8.72 -14.08
C ASN B 230 12.78 7.87 -12.87
N TYR B 231 12.42 6.62 -13.13
CA TYR B 231 12.04 5.75 -12.03
C TYR B 231 13.15 5.47 -11.03
N VAL B 232 14.35 5.14 -11.51
CA VAL B 232 15.37 4.75 -10.57
C VAL B 232 15.84 5.97 -9.81
N GLU B 233 15.71 7.14 -10.43
CA GLU B 233 16.08 8.40 -9.77
C GLU B 233 15.10 8.81 -8.67
N GLU B 234 13.81 8.70 -8.92
CA GLU B 234 12.78 9.03 -7.93
C GLU B 234 12.78 8.07 -6.75
N THR B 235 13.18 6.82 -6.96
CA THR B 235 12.97 5.78 -5.95
C THR B 235 14.26 5.34 -5.29
N GLY B 236 15.38 5.48 -6.00
CA GLY B 236 16.69 5.27 -5.41
C GLY B 236 16.94 6.28 -4.31
N MSE B 237 17.40 5.79 -3.16
CA MSE B 237 17.75 6.64 -2.05
C MSE B 237 16.60 7.51 -1.54
O MSE B 237 16.80 8.65 -1.10
CB MSE B 237 18.94 7.50 -2.46
CG MSE B 237 20.23 6.68 -2.46
SE MSE B 237 21.79 7.72 -2.92
CE MSE B 237 21.21 8.23 -4.72
N ALA B 238 15.40 6.95 -1.58
CA ALA B 238 14.19 7.64 -1.12
C ALA B 238 14.22 8.03 0.35
N GLY B 239 14.66 7.13 1.24
CA GLY B 239 14.69 7.41 2.67
C GLY B 239 15.70 8.49 3.01
N PHE B 240 16.79 8.53 2.25
CA PHE B 240 17.85 9.51 2.39
C PHE B 240 17.25 10.90 2.14
N PHE B 241 16.66 11.08 0.98
CA PHE B 241 16.03 12.35 0.65
C PHE B 241 14.76 12.70 1.43
N ALA B 242 14.01 11.71 1.89
CA ALA B 242 12.93 11.98 2.83
C ALA B 242 13.49 12.62 4.11
N THR B 243 14.58 12.03 4.60
CA THR B 243 15.22 12.45 5.85
C THR B 243 15.72 13.90 5.73
N ILE B 244 16.30 14.26 4.60
CA ILE B 244 16.65 15.66 4.32
C ILE B 244 15.43 16.58 4.17
N ARG B 245 14.41 16.15 3.40
CA ARG B 245 13.18 16.93 3.20
C ARG B 245 12.54 17.25 4.54
N PHE B 246 12.26 16.20 5.30
CA PHE B 246 11.43 16.32 6.49
C PHE B 246 12.23 16.50 7.78
N GLY B 247 13.47 15.98 7.79
CA GLY B 247 14.32 16.07 8.96
C GLY B 247 15.13 17.34 9.03
N LEU B 248 15.73 17.75 7.91
CA LEU B 248 16.62 18.93 7.88
C LEU B 248 15.96 20.19 7.32
N GLU B 249 15.38 20.11 6.12
CA GLU B 249 14.76 21.29 5.46
C GLU B 249 13.72 21.98 6.31
N THR B 250 13.09 21.23 7.20
CA THR B 250 12.08 21.82 8.07
C THR B 250 12.68 22.69 9.20
N ARG B 251 13.99 22.52 9.47
CA ARG B 251 14.78 23.42 10.32
C ARG B 251 14.21 23.57 11.73
N TYR B 252 13.75 22.45 12.29
CA TYR B 252 13.23 22.45 13.64
C TYR B 252 14.35 22.55 14.67
N PRO B 253 14.12 23.28 15.76
CA PRO B 253 15.17 23.46 16.78
C PRO B 253 15.59 22.13 17.41
N ALA B 254 14.72 21.13 17.30
CA ALA B 254 15.01 19.78 17.79
C ALA B 254 16.35 19.26 17.27
N LEU B 255 16.76 19.69 16.10
CA LEU B 255 18.01 19.24 15.52
C LEU B 255 19.24 19.55 16.39
N ALA B 256 19.10 20.48 17.35
CA ALA B 256 20.21 20.93 18.16
C ALA B 256 20.32 20.13 19.46
N LEU B 257 19.36 19.25 19.70
CA LEU B 257 19.48 18.31 20.81
C LEU B 257 20.80 17.55 20.72
N ASN B 258 21.38 17.23 21.89
CA ASN B 258 22.56 16.38 21.96
C ASN B 258 22.47 15.09 21.12
N GLU B 259 21.36 14.36 21.22
CA GLU B 259 21.26 13.01 20.64
C GLU B 259 21.25 12.97 19.09
N PHE B 260 21.02 14.11 18.44
CA PHE B 260 20.96 14.10 16.98
C PHE B 260 22.33 14.28 16.32
N GLN B 261 23.37 14.56 17.12
CA GLN B 261 24.62 15.08 16.56
C GLN B 261 25.42 14.04 15.75
N SER B 262 25.54 12.82 16.26
CA SER B 262 26.14 11.76 15.42
C SER B 262 25.38 11.56 14.09
N ASP B 263 24.05 11.49 14.13
CA ASP B 263 23.27 11.33 12.88
C ASP B 263 23.47 12.51 11.95
N LEU B 264 23.58 13.72 12.49
CA LEU B 264 23.91 14.88 11.67
C LEU B 264 25.29 14.70 11.01
N ASN B 265 26.27 14.17 11.76
CA ASN B 265 27.58 13.88 11.17
C ASN B 265 27.47 12.88 10.02
N THR B 266 26.77 11.78 10.27
CA THR B 266 26.59 10.75 9.25
C THR B 266 26.00 11.36 7.97
N ILE B 267 24.89 12.06 8.12
CA ILE B 267 24.17 12.45 6.93
C ILE B 267 24.88 13.56 6.19
N LYS B 268 25.67 14.35 6.92
CA LYS B 268 26.57 15.31 6.31
C LYS B 268 27.67 14.61 5.49
N SER B 269 28.23 13.52 6.01
CA SER B 269 29.24 12.77 5.24
C SER B 269 28.66 12.26 3.96
N LEU B 270 27.46 11.71 4.08
CA LEU B 270 26.72 11.18 2.96
C LEU B 270 26.52 12.27 1.93
N MSE B 271 26.04 13.43 2.38
CA MSE B 271 25.73 14.50 1.44
C MSE B 271 26.97 15.03 0.73
O MSE B 271 26.89 15.37 -0.44
CB MSE B 271 24.96 15.63 2.15
CG MSE B 271 23.59 15.19 2.62
SE MSE B 271 22.43 16.57 3.35
CE MSE B 271 23.41 17.00 4.95
N LEU B 272 28.11 15.11 1.43
CA LEU B 272 29.37 15.50 0.79
C LEU B 272 29.75 14.49 -0.28
N LEU B 273 29.64 13.21 0.07
CA LEU B 273 29.90 12.13 -0.88
C LEU B 273 29.05 12.23 -2.13
N TYR B 274 27.75 12.42 -1.92
CA TYR B 274 26.78 12.45 -3.00
C TYR B 274 27.10 13.61 -3.94
N ARG B 275 27.57 14.70 -3.36
CA ARG B 275 27.86 15.92 -4.12
C ARG B 275 29.13 15.83 -4.95
N GLU B 276 30.04 14.97 -4.54
CA GLU B 276 31.30 14.88 -5.27
C GLU B 276 31.25 13.79 -6.30
N ILE B 277 30.19 12.99 -6.28
CA ILE B 277 30.11 11.87 -7.20
C ILE B 277 29.75 12.32 -8.61
N GLY B 278 28.90 13.33 -8.74
CA GLY B 278 28.65 13.91 -10.05
C GLY B 278 27.35 13.47 -10.69
N PRO B 279 27.36 13.33 -12.03
CA PRO B 279 26.18 12.96 -12.84
C PRO B 279 25.67 11.55 -12.54
N ARG B 280 26.56 10.64 -12.15
CA ARG B 280 26.15 9.28 -11.82
C ARG B 280 25.30 9.20 -10.56
N ALA B 281 25.14 10.34 -9.87
CA ALA B 281 24.58 10.35 -8.51
C ALA B 281 23.11 9.95 -8.37
N PRO B 282 22.22 10.44 -9.24
CA PRO B 282 20.86 9.91 -9.14
C PRO B 282 20.78 8.39 -9.36
N TYR B 283 21.71 7.86 -10.15
CA TYR B 283 21.69 6.44 -10.53
C TYR B 283 22.72 5.61 -9.77
N MSE B 284 23.43 6.22 -8.82
CA MSE B 284 24.57 5.58 -8.19
C MSE B 284 24.20 4.25 -7.54
O MSE B 284 24.97 3.30 -7.59
CB MSE B 284 25.19 6.53 -7.16
CG MSE B 284 24.22 7.05 -6.14
SE MSE B 284 25.02 8.46 -5.07
CE MSE B 284 26.30 7.29 -4.22
N VAL B 285 23.00 4.20 -6.97
CA VAL B 285 22.40 2.98 -6.42
C VAL B 285 22.46 1.78 -7.39
N LEU B 286 22.61 2.03 -8.69
CA LEU B 286 22.76 0.94 -9.66
C LEU B 286 24.22 0.49 -9.86
N LEU B 287 25.15 1.18 -9.21
CA LEU B 287 26.57 0.84 -9.40
C LEU B 287 27.03 -0.22 -8.41
N GLU B 288 27.71 0.18 -7.33
CA GLU B 288 28.21 -0.79 -6.37
C GLU B 288 27.20 -1.01 -5.27
N GLU B 289 26.78 -2.28 -5.12
CA GLU B 289 25.63 -2.66 -4.31
C GLU B 289 25.70 -2.19 -2.87
N SER B 290 26.92 -1.92 -2.42
CA SER B 290 27.15 -1.37 -1.10
C SER B 290 26.54 0.02 -0.95
N ILE B 291 26.47 0.77 -2.06
CA ILE B 291 25.98 2.15 -2.00
C ILE B 291 24.55 2.27 -1.44
N GLN B 292 23.62 1.43 -1.90
CA GLN B 292 22.25 1.55 -1.40
C GLN B 292 22.25 1.37 0.12
N THR B 293 23.20 0.57 0.61
CA THR B 293 23.37 0.28 2.02
C THR B 293 23.98 1.45 2.78
N LYS B 294 25.05 2.00 2.22
CA LYS B 294 25.76 3.11 2.84
C LYS B 294 24.86 4.33 3.06
N PHE B 295 23.93 4.57 2.13
CA PHE B 295 22.99 5.70 2.26
C PHE B 295 21.67 5.38 2.96
N ALA B 296 21.52 4.17 3.46
CA ALA B 296 20.27 3.71 4.07
C ALA B 296 19.98 4.33 5.45
N PRO B 297 18.70 4.61 5.75
CA PRO B 297 18.30 5.20 7.02
C PRO B 297 18.66 4.37 8.28
N GLY B 298 19.02 3.10 8.11
CA GLY B 298 19.52 2.31 9.21
C GLY B 298 20.78 2.92 9.84
N GLY B 299 21.57 3.63 9.04
CA GLY B 299 22.78 4.30 9.49
C GLY B 299 22.62 5.67 10.17
N TYR B 300 21.41 6.21 10.20
CA TYR B 300 21.12 7.46 10.93
C TYR B 300 19.69 7.40 11.44
N PRO B 301 19.38 6.41 12.28
CA PRO B 301 17.96 6.08 12.54
C PRO B 301 17.21 7.06 13.43
N LEU B 302 17.92 7.86 14.20
CA LEU B 302 17.26 8.79 15.09
C LEU B 302 16.77 9.98 14.29
N LEU B 303 17.56 10.41 13.31
CA LEU B 303 17.16 11.49 12.46
C LEU B 303 16.06 11.01 11.49
N TRP B 304 16.18 9.76 11.03
CA TRP B 304 15.18 9.22 10.12
C TRP B 304 13.85 9.13 10.88
N SER B 305 13.86 8.48 12.04
CA SER B 305 12.69 8.42 12.90
C SER B 305 12.03 9.78 13.09
N PHE B 306 12.82 10.82 13.38
CA PHE B 306 12.32 12.17 13.57
C PHE B 306 11.71 12.68 12.28
N ALA B 307 12.37 12.38 11.17
CA ALA B 307 11.93 12.82 9.85
C ALA B 307 10.57 12.13 9.48
N MSE B 308 10.40 10.91 9.95
CA MSE B 308 9.18 10.17 9.70
C MSE B 308 8.03 10.73 10.49
O MSE B 308 6.89 10.76 10.02
CB MSE B 308 9.37 8.67 10.00
CG MSE B 308 10.23 7.95 8.98
SE MSE B 308 9.76 8.23 7.10
CE MSE B 308 10.88 9.78 6.66
N GLY B 309 8.31 11.21 11.71
CA GLY B 309 7.28 11.83 12.52
C GLY B 309 6.75 13.10 11.88
N VAL B 310 7.65 13.92 11.36
CA VAL B 310 7.28 15.10 10.57
C VAL B 310 6.54 14.67 9.30
N ALA B 311 7.04 13.63 8.64
CA ALA B 311 6.42 13.18 7.37
C ALA B 311 4.96 12.74 7.56
N THR B 312 4.66 12.12 8.70
CA THR B 312 3.31 11.62 8.88
C THR B 312 2.32 12.75 9.20
N THR B 313 2.84 13.90 9.65
CA THR B 313 2.00 15.04 10.00
C THR B 313 1.76 16.00 8.84
N ILE B 314 2.70 16.01 7.91
CA ILE B 314 2.83 17.07 6.93
C ILE B 314 2.41 16.56 5.58
N ASP B 315 2.61 15.26 5.43
CA ASP B 315 2.31 14.55 4.21
C ASP B 315 1.61 13.24 4.49
N ARG B 316 0.48 13.33 5.19
CA ARG B 316 -0.45 12.23 5.48
C ARG B 316 -0.35 11.02 4.56
N SER B 317 -0.87 11.15 3.36
CA SER B 317 -0.83 10.05 2.40
C SER B 317 0.58 9.84 1.85
N MSE B 318 1.26 8.84 2.43
CA MSE B 318 2.62 8.45 2.04
C MSE B 318 2.77 8.09 0.58
O MSE B 318 3.61 7.25 0.22
CB MSE B 318 3.09 7.28 2.90
CG MSE B 318 3.35 7.65 4.35
SE MSE B 318 4.48 9.21 4.43
CE MSE B 318 4.13 9.61 6.28
N LEU B 321 6.67 5.50 1.41
CA LEU B 321 7.42 5.59 2.65
C LEU B 321 6.88 4.63 3.71
N ASN B 322 7.72 3.69 4.11
CA ASN B 322 7.32 2.75 5.14
C ASN B 322 8.06 3.01 6.47
N ILE B 323 7.33 3.43 7.51
CA ILE B 323 7.98 3.70 8.80
C ILE B 323 8.13 2.43 9.67
N ASN B 324 7.63 1.30 9.17
CA ASN B 324 7.78 0.02 9.86
C ASN B 324 9.15 -0.61 9.60
N ARG B 325 10.18 -0.06 10.24
CA ARG B 325 11.50 -0.69 10.25
C ARG B 325 11.86 -0.96 11.69
N GLY B 326 12.67 -2.00 11.91
CA GLY B 326 13.14 -2.34 13.24
C GLY B 326 13.86 -1.20 13.93
N TYR B 327 14.39 -0.26 13.15
CA TYR B 327 15.13 0.85 13.73
C TYR B 327 14.31 2.11 13.95
N LEU B 328 13.00 2.05 13.78
CA LEU B 328 12.17 3.22 14.09
C LEU B 328 12.17 3.45 15.59
N GLU B 329 12.38 4.69 16.02
CA GLU B 329 12.48 5.00 17.44
C GLU B 329 11.34 5.89 17.89
N PRO B 330 10.29 5.29 18.51
CA PRO B 330 9.05 6.00 18.86
C PRO B 330 9.26 7.38 19.48
N MSE B 331 10.19 7.53 20.43
CA MSE B 331 10.46 8.82 21.07
C MSE B 331 10.86 9.89 20.06
O MSE B 331 10.46 11.04 20.17
CB MSE B 331 11.54 8.66 22.12
CG MSE B 331 12.20 9.94 22.59
SE MSE B 331 13.19 9.62 24.25
CE MSE B 331 11.76 10.06 25.49
N TYR B 332 11.62 9.51 19.05
CA TYR B 332 12.02 10.48 18.04
C TYR B 332 10.92 10.68 17.02
N PHE B 333 10.15 9.63 16.80
CA PHE B 333 8.99 9.73 15.91
C PHE B 333 8.00 10.76 16.53
N ARG B 334 7.73 10.62 17.83
CA ARG B 334 6.80 11.52 18.51
C ARG B 334 7.31 12.96 18.48
N LEU B 335 8.62 13.09 18.56
CA LEU B 335 9.24 14.40 18.60
C LEU B 335 9.10 15.10 17.26
N GLY B 336 9.18 14.31 16.18
CA GLY B 336 8.94 14.83 14.85
C GLY B 336 7.49 15.24 14.69
N GLN B 337 6.60 14.52 15.34
CA GLN B 337 5.17 14.83 15.27
C GLN B 337 4.86 16.13 16.01
N LYS B 338 5.42 16.25 17.20
CA LYS B 338 5.28 17.49 17.97
C LYS B 338 5.75 18.74 17.20
N SER B 339 6.93 18.65 16.57
CA SER B 339 7.47 19.78 15.83
C SER B 339 6.60 20.19 14.66
N ALA B 340 6.06 19.21 13.95
CA ALA B 340 5.31 19.50 12.73
C ALA B 340 3.87 19.95 13.02
N ARG B 341 3.34 19.54 14.16
CA ARG B 341 1.95 19.85 14.49
C ARG B 341 1.83 21.35 14.66
N HIS B 342 2.41 21.89 15.72
CA HIS B 342 2.59 23.33 15.84
C HIS B 342 3.65 23.62 16.90
N ASN C 16 -41.57 27.12 -29.82
CA ASN C 16 -41.23 25.79 -30.32
C ASN C 16 -42.28 25.27 -31.30
N SER C 17 -42.65 26.12 -32.26
CA SER C 17 -43.62 25.74 -33.29
C SER C 17 -43.03 24.66 -34.20
N PRO C 18 -43.90 23.80 -34.76
CA PRO C 18 -43.46 22.88 -35.81
C PRO C 18 -43.23 23.64 -37.12
N GLU C 19 -43.81 24.82 -37.25
CA GLU C 19 -43.65 25.65 -38.44
C GLU C 19 -42.25 26.27 -38.49
N LEU C 20 -41.73 26.65 -37.33
CA LEU C 20 -40.44 27.31 -37.25
C LEU C 20 -39.29 26.29 -37.19
N ARG C 21 -39.64 25.00 -37.29
CA ARG C 21 -38.66 23.93 -37.22
C ARG C 21 -37.91 23.75 -38.55
N TRP C 22 -38.64 23.77 -39.65
CA TRP C 22 -38.04 23.64 -40.98
C TRP C 22 -37.16 24.84 -41.33
N GLU C 23 -37.65 26.04 -41.05
CA GLU C 23 -36.91 27.27 -41.36
C GLU C 23 -35.74 27.50 -40.39
N LEU C 24 -35.56 26.56 -39.48
CA LEU C 24 -34.42 26.57 -38.57
C LEU C 24 -33.40 25.50 -38.96
N THR C 25 -33.90 24.32 -39.32
CA THR C 25 -33.04 23.22 -39.77
C THR C 25 -32.51 23.47 -41.18
N LEU C 26 -33.30 24.16 -42.00
CA LEU C 26 -32.83 24.58 -43.32
C LEU C 26 -31.69 25.58 -43.12
N PHE C 27 -31.89 26.47 -42.15
CA PHE C 27 -30.88 27.46 -41.78
C PHE C 27 -29.70 26.81 -41.09
N ALA C 28 -29.83 25.52 -40.80
CA ALA C 28 -28.76 24.77 -40.14
C ALA C 28 -28.04 23.82 -41.11
N LEU C 29 -28.79 23.27 -42.06
CA LEU C 29 -28.16 22.45 -43.08
C LEU C 29 -27.27 23.35 -43.92
N ASP C 30 -27.78 24.53 -44.22
CA ASP C 30 -27.09 25.46 -45.12
C ASP C 30 -25.89 26.15 -44.45
N VAL C 31 -25.92 26.29 -43.12
CA VAL C 31 -24.84 26.95 -42.40
C VAL C 31 -23.55 26.13 -42.39
N ILE C 32 -23.68 24.85 -42.73
CA ILE C 32 -22.53 23.97 -42.83
C ILE C 32 -22.06 23.88 -44.28
N ARG C 33 -22.91 24.33 -45.20
CA ARG C 33 -22.58 24.35 -46.62
C ARG C 33 -21.73 25.58 -46.98
N ALA C 38 -24.38 29.91 -29.04
CA ALA C 38 -23.67 29.17 -30.08
C ALA C 38 -22.26 29.72 -30.29
N GLU C 39 -21.34 29.30 -29.43
CA GLU C 39 -19.97 29.83 -29.40
C GLU C 39 -19.14 29.55 -30.66
N SER C 40 -19.23 28.32 -31.19
CA SER C 40 -18.57 27.98 -32.45
C SER C 40 -19.47 28.38 -33.64
N MSE C 41 -18.86 28.50 -34.81
CA MSE C 41 -19.61 28.93 -35.99
C MSE C 41 -20.33 27.76 -36.67
O MSE C 41 -21.52 27.54 -36.43
CB MSE C 41 -18.68 29.60 -37.00
N LYS C 42 -19.60 27.03 -37.51
CA LYS C 42 -20.17 25.94 -38.29
C LYS C 42 -20.53 24.73 -37.44
N VAL C 43 -19.89 24.60 -36.29
CA VAL C 43 -20.14 23.47 -35.39
C VAL C 43 -21.58 23.50 -34.89
N GLY C 44 -22.12 24.71 -34.72
CA GLY C 44 -23.49 24.88 -34.30
C GLY C 44 -24.47 24.16 -35.22
N ALA C 45 -24.24 24.27 -36.53
CA ALA C 45 -25.09 23.65 -37.54
C ALA C 45 -25.27 22.15 -37.29
N ALA C 46 -24.24 21.53 -36.73
CA ALA C 46 -24.30 20.14 -36.33
C ALA C 46 -25.09 19.99 -35.05
N PHE C 47 -24.86 20.90 -34.11
CA PHE C 47 -25.52 20.86 -32.81
C PHE C 47 -26.98 21.30 -32.92
N THR C 48 -27.24 22.21 -33.86
CA THR C 48 -28.61 22.66 -34.15
C THR C 48 -29.42 21.54 -34.77
N LEU C 49 -28.86 20.89 -35.77
CA LEU C 49 -29.52 19.78 -36.44
C LEU C 49 -29.67 18.56 -35.52
N ILE C 50 -28.61 18.23 -34.79
CA ILE C 50 -28.62 17.04 -33.90
C ILE C 50 -29.74 17.08 -32.86
N SER C 51 -30.08 18.28 -32.39
CA SER C 51 -31.05 18.44 -31.31
C SER C 51 -32.45 18.87 -31.78
N MSE C 52 -33.07 18.05 -32.64
CA MSE C 52 -34.43 18.32 -33.09
C MSE C 52 -35.43 17.50 -32.29
O MSE C 52 -35.30 17.34 -31.08
CB MSE C 52 -34.57 18.04 -34.60
N LEU C 134 -42.87 17.49 -39.81
CA LEU C 134 -41.60 17.77 -39.14
C LEU C 134 -40.99 16.51 -38.56
N VAL C 135 -41.80 15.74 -37.83
CA VAL C 135 -41.35 14.57 -37.07
C VAL C 135 -40.54 13.56 -37.90
N SER C 136 -41.13 13.08 -39.00
CA SER C 136 -40.50 12.06 -39.83
C SER C 136 -39.35 12.61 -40.68
N ALA C 137 -39.32 13.92 -40.86
CA ALA C 137 -38.29 14.57 -41.67
C ALA C 137 -37.01 14.79 -40.86
N VAL C 138 -37.16 15.37 -39.67
CA VAL C 138 -36.03 15.54 -38.76
C VAL C 138 -35.43 14.17 -38.41
N ILE C 139 -36.28 13.15 -38.37
CA ILE C 139 -35.85 11.79 -38.06
C ILE C 139 -35.16 11.10 -39.24
N THR C 140 -35.24 11.72 -40.42
CA THR C 140 -34.58 11.21 -41.61
C THR C 140 -33.18 11.79 -41.75
N ILE C 141 -33.06 13.08 -41.40
CA ILE C 141 -31.77 13.79 -41.40
C ILE C 141 -30.89 13.31 -40.25
N GLU C 142 -31.50 13.10 -39.09
CA GLU C 142 -30.80 12.57 -37.93
C GLU C 142 -30.12 11.25 -38.26
N ALA C 143 -30.87 10.34 -38.87
CA ALA C 143 -30.41 8.98 -39.10
C ALA C 143 -29.07 8.89 -39.85
N GLN C 144 -28.90 9.74 -40.86
CA GLN C 144 -27.72 9.69 -41.72
C GLN C 144 -26.53 10.45 -41.13
N ILE C 145 -26.82 11.34 -40.18
CA ILE C 145 -25.77 12.05 -39.47
C ILE C 145 -25.20 11.13 -38.40
N TRP C 146 -26.11 10.34 -37.82
CA TRP C 146 -25.75 9.31 -36.85
C TRP C 146 -25.09 8.12 -37.56
N ILE C 147 -25.54 7.84 -38.78
CA ILE C 147 -25.01 6.72 -39.56
C ILE C 147 -23.57 6.98 -40.00
N LEU C 148 -23.18 8.25 -40.08
CA LEU C 148 -21.83 8.61 -40.49
C LEU C 148 -20.86 8.69 -39.31
N PHE C 180 -38.68 15.97 -45.99
CA PHE C 180 -37.23 15.89 -46.05
C PHE C 180 -36.76 14.43 -46.05
N ALA C 181 -35.97 14.09 -47.06
CA ALA C 181 -35.45 12.74 -47.24
C ALA C 181 -33.94 12.73 -47.47
N LEU C 182 -33.47 11.76 -48.26
CA LEU C 182 -32.05 11.52 -48.50
C LEU C 182 -31.31 12.74 -49.05
N THR C 183 -30.30 13.21 -48.32
CA THR C 183 -29.60 14.42 -48.71
C THR C 183 -28.40 14.80 -47.83
N GLN C 184 -27.21 15.02 -48.40
CA GLN C 184 -26.75 14.54 -49.70
C GLN C 184 -25.25 14.26 -49.50
N GLN C 185 -24.45 14.53 -50.53
CA GLN C 185 -22.98 14.55 -50.42
C GLN C 185 -22.55 15.80 -49.59
N TRP C 186 -23.55 16.58 -49.19
CA TRP C 186 -23.40 17.54 -48.10
C TRP C 186 -22.91 16.81 -46.85
N LEU C 187 -23.25 15.51 -46.76
CA LEU C 187 -22.75 14.62 -45.72
C LEU C 187 -21.24 14.68 -45.58
N THR C 188 -20.54 14.73 -46.70
CA THR C 188 -19.08 14.79 -46.69
C THR C 188 -18.58 16.06 -45.97
N GLU C 189 -19.34 17.14 -46.07
CA GLU C 189 -19.02 18.33 -45.30
C GLU C 189 -19.16 18.04 -43.81
N MSE C 190 -20.24 17.34 -43.47
CA MSE C 190 -20.53 17.01 -42.08
C MSE C 190 -19.49 16.08 -41.48
O MSE C 190 -19.11 16.23 -40.32
CB MSE C 190 -21.92 16.39 -41.95
CG MSE C 190 -22.28 15.95 -40.54
SE MSE C 190 -23.14 17.33 -39.47
CE MSE C 190 -21.77 18.71 -39.44
N ARG C 191 -19.03 15.12 -42.28
CA ARG C 191 -17.99 14.18 -41.86
C ARG C 191 -16.69 14.92 -41.57
N ASN C 192 -16.39 15.93 -42.37
CA ASN C 192 -15.23 16.77 -42.15
C ASN C 192 -15.33 17.54 -40.83
N LEU C 193 -16.49 18.13 -40.57
CA LEU C 193 -16.72 18.87 -39.32
C LEU C 193 -16.63 17.94 -38.12
N LEU C 194 -17.30 16.78 -38.21
CA LEU C 194 -17.34 15.81 -37.12
C LEU C 194 -15.95 15.35 -36.69
N SER C 195 -15.08 15.17 -37.67
CA SER C 195 -13.73 14.67 -37.42
C SER C 195 -12.79 15.74 -36.88
N GLN C 196 -13.13 17.01 -37.09
CA GLN C 196 -12.25 18.11 -36.70
C GLN C 196 -12.69 18.81 -35.41
N SER C 197 -13.86 18.45 -34.91
CA SER C 197 -14.39 19.06 -33.69
C SER C 197 -14.85 18.00 -32.71
N LEU C 198 -13.96 17.63 -31.79
CA LEU C 198 -14.26 16.62 -30.78
C LEU C 198 -15.46 16.99 -29.94
N SER C 199 -15.71 18.29 -29.80
CA SER C 199 -16.81 18.81 -28.99
C SER C 199 -18.16 18.29 -29.49
N VAL C 200 -18.25 17.91 -30.76
CA VAL C 200 -19.50 17.42 -31.31
C VAL C 200 -19.68 15.95 -31.01
N ARG C 201 -18.57 15.21 -30.99
CA ARG C 201 -18.70 13.78 -30.73
C ARG C 201 -18.95 13.55 -29.25
N LYS C 202 -18.31 14.34 -28.41
CA LYS C 202 -18.60 14.30 -26.98
C LYS C 202 -20.10 14.52 -26.81
N PHE C 203 -20.62 15.48 -27.56
CA PHE C 203 -22.04 15.83 -27.48
C PHE C 203 -22.93 14.69 -27.96
N MSE C 204 -22.58 14.08 -29.09
CA MSE C 204 -23.33 12.94 -29.60
C MSE C 204 -23.22 11.73 -28.68
O MSE C 204 -24.21 11.02 -28.46
CB MSE C 204 -22.86 12.58 -31.01
CG MSE C 204 -23.27 13.61 -32.04
SE MSE C 204 -22.71 13.17 -33.85
CE MSE C 204 -24.17 11.98 -34.38
N VAL C 205 -22.04 11.49 -28.11
CA VAL C 205 -21.86 10.39 -27.16
C VAL C 205 -22.67 10.65 -25.90
N GLU C 206 -22.77 11.90 -25.49
CA GLU C 206 -23.63 12.26 -24.37
C GLU C 206 -25.12 12.04 -24.67
N ILE C 207 -25.51 12.26 -25.91
CA ILE C 207 -26.85 11.91 -26.36
C ILE C 207 -27.09 10.39 -26.29
N LEU C 208 -26.12 9.60 -26.75
CA LEU C 208 -26.25 8.14 -26.77
C LEU C 208 -26.48 7.53 -25.39
N ILE C 209 -26.19 8.30 -24.35
CA ILE C 209 -26.20 7.79 -22.98
C ILE C 209 -27.63 7.82 -22.42
N GLU C 210 -28.28 8.99 -22.46
CA GLU C 210 -29.65 9.14 -21.96
C GLU C 210 -30.66 8.58 -22.96
N VAL C 211 -30.17 8.05 -24.07
CA VAL C 211 -30.99 7.35 -25.08
C VAL C 211 -30.42 5.97 -25.40
N VAL C 222 -35.53 8.75 -31.67
CA VAL C 222 -34.64 8.25 -30.64
C VAL C 222 -34.27 6.77 -30.87
N GLU C 223 -35.25 5.98 -31.33
CA GLU C 223 -35.08 4.55 -31.60
C GLU C 223 -33.95 4.22 -32.58
N ILE C 224 -33.90 4.98 -33.68
CA ILE C 224 -32.81 4.85 -34.66
C ILE C 224 -31.46 5.14 -33.99
N ILE C 225 -31.40 6.24 -33.25
CA ILE C 225 -30.19 6.64 -32.52
C ILE C 225 -29.62 5.45 -31.77
N SER C 226 -30.38 4.95 -30.80
CA SER C 226 -29.94 3.85 -29.95
C SER C 226 -29.42 2.69 -30.77
N ASP C 227 -30.09 2.42 -31.90
CA ASP C 227 -29.76 1.32 -32.80
C ASP C 227 -28.30 1.36 -33.30
N ILE C 228 -27.93 2.49 -33.92
CA ILE C 228 -26.55 2.72 -34.39
C ILE C 228 -25.56 2.79 -33.19
N GLY C 229 -25.93 3.49 -32.13
CA GLY C 229 -25.10 3.55 -30.94
C GLY C 229 -24.94 2.17 -30.33
N ASN C 230 -25.99 1.37 -30.42
CA ASN C 230 -25.89 -0.02 -29.99
C ASN C 230 -24.87 -0.73 -30.86
N TYR C 231 -24.75 -0.32 -32.12
CA TYR C 231 -23.79 -0.94 -33.06
C TYR C 231 -22.33 -0.58 -32.77
N VAL C 232 -22.06 0.69 -32.49
CA VAL C 232 -20.72 1.15 -32.18
C VAL C 232 -20.30 0.60 -30.82
N GLU C 233 -21.29 0.26 -30.01
CA GLU C 233 -21.02 -0.35 -28.71
C GLU C 233 -20.45 -1.76 -28.86
N GLU C 234 -20.97 -2.53 -29.81
CA GLU C 234 -20.56 -3.92 -29.97
C GLU C 234 -19.38 -4.08 -30.93
N THR C 235 -19.25 -3.13 -31.86
CA THR C 235 -18.19 -3.19 -32.86
C THR C 235 -16.91 -2.47 -32.36
N GLY C 236 -17.06 -1.72 -31.26
CA GLY C 236 -15.98 -0.91 -30.73
C GLY C 236 -14.76 -1.70 -30.31
N MSE C 237 -14.98 -2.71 -29.47
CA MSE C 237 -13.93 -3.65 -29.14
C MSE C 237 -14.44 -5.09 -29.03
O MSE C 237 -14.40 -5.69 -27.96
CB MSE C 237 -13.26 -3.27 -27.84
CG MSE C 237 -14.12 -2.50 -26.92
SE MSE C 237 -13.27 -0.81 -26.64
CE MSE C 237 -13.85 -0.56 -24.85
N ALA C 238 -14.91 -5.60 -30.17
CA ALA C 238 -15.48 -6.93 -30.25
C ALA C 238 -14.46 -8.00 -29.87
N GLY C 239 -13.21 -7.82 -30.27
CA GLY C 239 -12.20 -8.79 -29.90
C GLY C 239 -11.92 -8.79 -28.39
N PHE C 240 -11.95 -7.61 -27.78
CA PHE C 240 -11.77 -7.45 -26.34
C PHE C 240 -12.84 -8.22 -25.58
N PHE C 241 -14.09 -8.07 -25.99
CA PHE C 241 -15.19 -8.70 -25.27
C PHE C 241 -15.32 -10.18 -25.57
N ALA C 242 -15.01 -10.57 -26.80
CA ALA C 242 -14.97 -12.00 -27.12
C ALA C 242 -13.86 -12.67 -26.31
N THR C 243 -12.80 -11.92 -26.02
CA THR C 243 -11.70 -12.52 -25.29
C THR C 243 -12.10 -12.68 -23.84
N ILE C 244 -12.80 -11.70 -23.29
CA ILE C 244 -13.35 -11.90 -21.95
C ILE C 244 -14.38 -13.06 -21.91
N ARG C 245 -15.37 -13.04 -22.82
CA ARG C 245 -16.42 -14.06 -22.87
C ARG C 245 -15.92 -15.50 -23.03
N PHE C 246 -15.03 -15.73 -23.99
CA PHE C 246 -14.65 -17.10 -24.30
C PHE C 246 -13.29 -17.52 -23.71
N GLY C 247 -12.41 -16.54 -23.51
CA GLY C 247 -11.11 -16.77 -22.89
C GLY C 247 -11.17 -16.80 -21.37
N LEU C 248 -11.83 -15.81 -20.75
CA LEU C 248 -11.86 -15.68 -19.29
C LEU C 248 -13.08 -16.32 -18.60
N GLU C 249 -14.29 -15.96 -19.05
CA GLU C 249 -15.55 -16.42 -18.43
C GLU C 249 -15.68 -17.95 -18.39
N THR C 250 -15.11 -18.60 -19.39
CA THR C 250 -15.13 -20.05 -19.49
C THR C 250 -14.31 -20.70 -18.37
N ARG C 251 -13.37 -19.95 -17.80
CA ARG C 251 -12.67 -20.34 -16.56
C ARG C 251 -11.94 -21.66 -16.67
N TYR C 252 -11.25 -21.86 -17.78
CA TYR C 252 -10.55 -23.10 -18.00
C TYR C 252 -9.21 -23.10 -17.25
N PRO C 253 -8.81 -24.28 -16.76
CA PRO C 253 -7.57 -24.40 -15.96
C PRO C 253 -6.34 -24.01 -16.77
N ALA C 254 -6.42 -24.09 -18.09
CA ALA C 254 -5.33 -23.67 -18.97
C ALA C 254 -4.89 -22.21 -18.80
N LEU C 255 -5.78 -21.35 -18.29
CA LEU C 255 -5.44 -19.96 -18.00
C LEU C 255 -4.21 -19.80 -17.08
N ALA C 256 -3.99 -20.80 -16.24
CA ALA C 256 -2.92 -20.71 -15.25
C ALA C 256 -1.53 -21.02 -15.81
N LEU C 257 -1.45 -21.48 -17.07
CA LEU C 257 -0.16 -21.73 -17.70
C LEU C 257 0.68 -20.46 -17.77
N ASN C 258 1.99 -20.64 -17.67
CA ASN C 258 2.93 -19.53 -17.55
C ASN C 258 2.95 -18.61 -18.74
N GLU C 259 2.78 -19.16 -19.94
CA GLU C 259 2.77 -18.36 -21.16
C GLU C 259 1.63 -17.33 -21.24
N PHE C 260 0.60 -17.51 -20.41
CA PHE C 260 -0.54 -16.60 -20.38
C PHE C 260 -0.35 -15.39 -19.46
N GLN C 261 0.56 -15.51 -18.50
CA GLN C 261 0.77 -14.50 -17.45
C GLN C 261 0.73 -13.05 -17.95
N SER C 262 1.48 -12.77 -18.98
CA SER C 262 1.59 -11.40 -19.45
C SER C 262 0.33 -10.92 -20.24
N ASP C 263 -0.33 -11.80 -21.00
CA ASP C 263 -1.60 -11.39 -21.61
C ASP C 263 -2.71 -11.18 -20.58
N LEU C 264 -2.70 -11.98 -19.53
CA LEU C 264 -3.64 -11.79 -18.42
C LEU C 264 -3.45 -10.39 -17.81
N ASN C 265 -2.19 -10.00 -17.62
CA ASN C 265 -1.86 -8.65 -17.12
C ASN C 265 -2.16 -7.54 -18.11
N THR C 266 -2.03 -7.78 -19.42
CA THR C 266 -2.37 -6.74 -20.40
C THR C 266 -3.89 -6.51 -20.35
N ILE C 267 -4.65 -7.59 -20.31
CA ILE C 267 -6.08 -7.43 -20.46
C ILE C 267 -6.63 -6.98 -19.12
N LYS C 268 -6.00 -7.40 -18.01
CA LYS C 268 -6.37 -6.86 -16.71
C LYS C 268 -6.23 -5.33 -16.70
N SER C 269 -5.12 -4.81 -17.22
CA SER C 269 -4.95 -3.35 -17.22
C SER C 269 -6.00 -2.67 -18.14
N LEU C 270 -6.39 -3.37 -19.20
CA LEU C 270 -7.40 -2.82 -20.12
C LEU C 270 -8.77 -2.77 -19.46
N MSE C 271 -9.15 -3.81 -18.74
CA MSE C 271 -10.41 -3.81 -18.00
C MSE C 271 -10.42 -2.75 -16.90
O MSE C 271 -11.45 -2.18 -16.59
CB MSE C 271 -10.69 -5.21 -17.44
CG MSE C 271 -11.01 -6.24 -18.55
SE MSE C 271 -11.19 -8.13 -18.03
CE MSE C 271 -9.75 -8.26 -16.73
N LEU C 272 -9.27 -2.45 -16.31
CA LEU C 272 -9.19 -1.32 -15.41
C LEU C 272 -9.40 -0.01 -16.16
N LEU C 273 -8.72 0.15 -17.30
CA LEU C 273 -8.85 1.38 -18.08
C LEU C 273 -10.32 1.60 -18.45
N TYR C 274 -10.96 0.54 -18.93
CA TYR C 274 -12.38 0.52 -19.27
C TYR C 274 -13.26 1.05 -18.14
N ARG C 275 -13.09 0.47 -16.96
CA ARG C 275 -13.79 0.93 -15.77
C ARG C 275 -13.50 2.40 -15.46
N GLU C 276 -12.23 2.79 -15.47
CA GLU C 276 -11.86 4.16 -15.12
C GLU C 276 -12.59 5.19 -15.98
N ILE C 277 -12.86 4.82 -17.23
CA ILE C 277 -13.43 5.75 -18.21
C ILE C 277 -14.89 6.10 -17.89
N GLY C 278 -15.64 5.14 -17.35
CA GLY C 278 -17.01 5.41 -16.95
C GLY C 278 -18.05 5.29 -18.06
N PRO C 279 -19.10 6.12 -18.00
CA PRO C 279 -20.27 6.10 -18.90
C PRO C 279 -19.92 6.09 -20.39
N ARG C 280 -18.88 6.81 -20.80
CA ARG C 280 -18.58 6.92 -22.23
C ARG C 280 -17.82 5.71 -22.77
N ALA C 281 -17.47 4.76 -21.90
CA ALA C 281 -16.61 3.65 -22.31
C ALA C 281 -17.14 2.84 -23.51
N PRO C 282 -18.44 2.45 -23.50
CA PRO C 282 -18.93 1.68 -24.65
C PRO C 282 -18.80 2.42 -25.99
N TYR C 283 -18.79 3.74 -25.89
CA TYR C 283 -18.79 4.61 -27.05
C TYR C 283 -17.46 5.32 -27.24
N MSE C 284 -16.47 4.96 -26.44
CA MSE C 284 -15.24 5.75 -26.32
C MSE C 284 -14.46 5.84 -27.64
O MSE C 284 -13.76 6.82 -27.89
CB MSE C 284 -14.35 5.18 -25.22
CG MSE C 284 -13.28 6.17 -24.76
SE MSE C 284 -14.02 7.91 -24.28
CE MSE C 284 -12.37 8.84 -23.83
N VAL C 285 -14.62 4.82 -28.48
CA VAL C 285 -14.05 4.80 -29.82
C VAL C 285 -14.46 6.01 -30.68
N LEU C 286 -15.63 6.59 -30.43
CA LEU C 286 -16.12 7.71 -31.22
C LEU C 286 -15.40 8.99 -30.87
N LEU C 287 -14.72 8.96 -29.72
CA LEU C 287 -14.09 10.17 -29.19
C LEU C 287 -12.63 10.26 -29.60
N GLU C 288 -11.90 9.16 -29.47
CA GLU C 288 -10.52 9.07 -29.96
C GLU C 288 -10.24 7.69 -30.52
N GLU C 289 -9.54 7.63 -31.65
CA GLU C 289 -9.30 6.35 -32.35
C GLU C 289 -8.07 5.66 -31.80
N SER C 290 -7.38 6.34 -30.90
CA SER C 290 -6.27 5.74 -30.18
C SER C 290 -6.81 4.68 -29.22
N ILE C 291 -8.02 4.91 -28.72
CA ILE C 291 -8.61 4.08 -27.68
C ILE C 291 -8.96 2.70 -28.22
N GLN C 292 -9.57 2.66 -29.40
CA GLN C 292 -9.92 1.41 -30.04
C GLN C 292 -8.69 0.52 -30.18
N THR C 293 -7.56 1.17 -30.46
CA THR C 293 -6.32 0.45 -30.76
C THR C 293 -5.65 -0.09 -29.49
N LYS C 294 -5.96 0.52 -28.34
CA LYS C 294 -5.48 -0.01 -27.07
C LYS C 294 -6.06 -1.36 -26.77
N PHE C 295 -7.33 -1.53 -27.11
CA PHE C 295 -8.07 -2.74 -26.76
C PHE C 295 -7.97 -3.86 -27.82
N ALA C 296 -7.31 -3.57 -28.94
CA ALA C 296 -7.03 -4.56 -29.99
C ALA C 296 -6.36 -5.80 -29.42
N PRO C 297 -6.81 -6.98 -29.86
CA PRO C 297 -6.34 -8.30 -29.39
C PRO C 297 -4.89 -8.62 -29.79
N GLY C 298 -4.30 -7.86 -30.71
CA GLY C 298 -2.89 -7.99 -30.99
C GLY C 298 -2.01 -7.83 -29.76
N GLY C 299 -2.52 -7.11 -28.75
CA GLY C 299 -1.77 -6.81 -27.55
C GLY C 299 -1.90 -7.86 -26.46
N TYR C 300 -2.65 -8.91 -26.78
CA TYR C 300 -2.76 -10.10 -25.96
C TYR C 300 -3.05 -11.28 -26.91
N PRO C 301 -2.12 -11.53 -27.84
CA PRO C 301 -2.41 -12.44 -28.95
C PRO C 301 -2.57 -13.92 -28.54
N LEU C 302 -1.91 -14.34 -27.47
CA LEU C 302 -1.95 -15.74 -27.06
C LEU C 302 -3.26 -16.08 -26.36
N LEU C 303 -3.68 -15.22 -25.43
CA LEU C 303 -5.01 -15.35 -24.82
C LEU C 303 -6.15 -15.20 -25.88
N TRP C 304 -5.94 -14.32 -26.87
CA TRP C 304 -6.90 -14.11 -27.95
C TRP C 304 -7.04 -15.41 -28.74
N SER C 305 -5.91 -15.95 -29.17
CA SER C 305 -5.86 -17.19 -29.92
C SER C 305 -6.53 -18.30 -29.13
N PHE C 306 -6.29 -18.32 -27.83
CA PHE C 306 -6.90 -19.35 -27.02
C PHE C 306 -8.43 -19.19 -26.98
N ALA C 307 -8.88 -17.94 -26.90
CA ALA C 307 -10.30 -17.62 -26.80
C ALA C 307 -11.01 -17.89 -28.13
N MSE C 308 -10.33 -17.65 -29.26
CA MSE C 308 -10.82 -17.98 -30.62
CA MSE C 308 -10.99 -17.94 -30.51
C MSE C 308 -11.13 -19.45 -30.76
O MSE C 308 -12.07 -19.87 -31.44
CB MSE C 308 -9.78 -17.62 -31.68
CB MSE C 308 -10.27 -17.23 -31.65
CG MSE C 308 -9.47 -16.15 -31.89
CG MSE C 308 -10.39 -15.70 -31.54
SE MSE C 308 -7.99 -15.94 -33.19
SE MSE C 308 -12.22 -14.99 -31.20
CE MSE C 308 -8.98 -15.61 -34.84
CE MSE C 308 -12.21 -14.81 -29.24
N GLY C 309 -10.26 -20.25 -30.15
CA GLY C 309 -10.37 -21.70 -30.16
C GLY C 309 -11.61 -22.16 -29.40
N VAL C 310 -11.81 -21.62 -28.19
CA VAL C 310 -13.04 -21.87 -27.44
C VAL C 310 -14.29 -21.37 -28.18
N ALA C 311 -14.25 -20.14 -28.68
CA ALA C 311 -15.39 -19.53 -29.37
C ALA C 311 -15.91 -20.34 -30.58
N THR C 312 -14.99 -20.82 -31.43
CA THR C 312 -15.35 -21.56 -32.63
C THR C 312 -15.79 -22.98 -32.33
N THR C 313 -15.48 -23.44 -31.12
CA THR C 313 -15.89 -24.77 -30.69
C THR C 313 -17.30 -24.74 -30.13
N ILE C 314 -17.62 -23.73 -29.32
CA ILE C 314 -18.88 -23.74 -28.57
C ILE C 314 -19.97 -22.82 -29.13
N ASP C 315 -19.63 -21.94 -30.06
CA ASP C 315 -20.60 -20.92 -30.52
C ASP C 315 -20.64 -20.84 -32.05
N ARG C 316 -21.76 -21.32 -32.63
CA ARG C 316 -21.90 -21.42 -34.08
C ARG C 316 -21.88 -20.09 -34.82
N SER C 317 -22.04 -18.99 -34.08
CA SER C 317 -22.01 -17.66 -34.70
C SER C 317 -20.57 -17.14 -34.83
N MSE C 318 -19.62 -17.77 -34.13
CA MSE C 318 -18.24 -17.28 -34.09
C MSE C 318 -17.33 -17.89 -35.18
O MSE C 318 -16.11 -17.86 -35.05
CB MSE C 318 -17.65 -17.54 -32.72
CG MSE C 318 -18.41 -16.85 -31.61
SE MSE C 318 -18.42 -14.90 -31.87
CE MSE C 318 -16.60 -14.48 -31.38
N GLY C 319 -17.94 -18.40 -36.25
CA GLY C 319 -17.21 -19.06 -37.32
C GLY C 319 -16.09 -18.29 -38.01
N ALA C 320 -16.22 -16.98 -38.14
CA ALA C 320 -15.23 -16.20 -38.87
C ALA C 320 -13.87 -16.14 -38.14
N LEU C 321 -13.86 -16.51 -36.87
CA LEU C 321 -12.63 -16.52 -36.10
C LEU C 321 -11.83 -17.82 -36.31
N ASN C 322 -12.27 -18.63 -37.26
CA ASN C 322 -11.50 -19.79 -37.69
C ASN C 322 -10.32 -19.35 -38.54
N ILE C 323 -10.38 -18.11 -38.97
CA ILE C 323 -9.47 -17.60 -39.97
C ILE C 323 -8.48 -16.67 -39.29
N ASN C 324 -7.22 -16.85 -39.66
CA ASN C 324 -6.08 -16.09 -39.14
C ASN C 324 -6.04 -14.73 -39.83
N ARG C 325 -6.38 -13.67 -39.10
CA ARG C 325 -6.27 -12.35 -39.69
C ARG C 325 -4.91 -11.74 -39.31
N GLY C 326 -4.07 -12.55 -38.66
CA GLY C 326 -2.68 -12.16 -38.45
C GLY C 326 -2.15 -12.29 -37.02
N TYR C 327 -2.99 -12.71 -36.09
CA TYR C 327 -2.57 -12.92 -34.71
C TYR C 327 -2.97 -14.29 -34.21
N LEU C 328 -3.46 -15.14 -35.09
CA LEU C 328 -3.84 -16.47 -34.62
C LEU C 328 -2.55 -17.22 -34.39
N GLU C 329 -2.40 -17.77 -33.21
CA GLU C 329 -1.24 -18.59 -32.94
C GLU C 329 -1.76 -20.01 -32.77
N PRO C 330 -1.47 -20.90 -33.75
CA PRO C 330 -2.25 -22.14 -33.90
C PRO C 330 -2.23 -23.04 -32.68
N MSE C 331 -1.09 -23.16 -32.01
CA MSE C 331 -0.99 -24.01 -30.83
C MSE C 331 -1.98 -23.56 -29.73
O MSE C 331 -2.57 -24.42 -29.05
CB MSE C 331 0.45 -24.03 -30.30
CG MSE C 331 0.70 -24.88 -29.04
SE MSE C 331 2.62 -25.16 -28.71
CE MSE C 331 3.14 -23.29 -28.48
N TYR C 332 -2.18 -22.26 -29.56
CA TYR C 332 -3.10 -21.79 -28.50
C TYR C 332 -4.55 -21.90 -28.96
N PHE C 333 -4.80 -21.68 -30.25
CA PHE C 333 -6.10 -22.00 -30.84
C PHE C 333 -6.50 -23.44 -30.53
N ARG C 334 -5.60 -24.39 -30.85
CA ARG C 334 -5.80 -25.80 -30.53
C ARG C 334 -6.08 -26.07 -29.06
N LEU C 335 -5.37 -25.33 -28.18
CA LEU C 335 -5.55 -25.50 -26.75
C LEU C 335 -6.92 -25.00 -26.31
N GLY C 336 -7.40 -23.92 -26.92
CA GLY C 336 -8.76 -23.47 -26.69
C GLY C 336 -9.78 -24.54 -27.10
N GLN C 337 -9.54 -25.14 -28.28
CA GLN C 337 -10.47 -26.14 -28.78
C GLN C 337 -10.47 -27.35 -27.88
N LYS C 338 -9.28 -27.74 -27.46
CA LYS C 338 -9.15 -28.90 -26.57
C LYS C 338 -9.81 -28.64 -25.21
N SER C 339 -9.70 -27.42 -24.70
CA SER C 339 -10.29 -27.12 -23.40
C SER C 339 -11.82 -27.08 -23.47
N ALA C 340 -12.36 -26.63 -24.60
CA ALA C 340 -13.82 -26.54 -24.80
C ALA C 340 -14.49 -27.86 -25.20
N ARG C 341 -13.70 -28.90 -25.41
CA ARG C 341 -14.25 -30.22 -25.71
C ARG C 341 -14.03 -31.14 -24.51
N GLY D 1 -14.27 16.47 30.99
CA GLY D 1 -13.13 16.82 30.16
C GLY D 1 -11.84 16.74 30.95
N ALA D 2 -10.71 16.67 30.23
CA ALA D 2 -9.38 16.56 30.86
C ALA D 2 -8.89 17.90 31.45
N MET D 3 -9.30 18.99 30.83
CA MET D 3 -8.99 20.34 31.31
C MET D 3 -9.56 20.57 32.71
N ASP D 4 -10.85 20.25 32.86
CA ASP D 4 -11.54 20.42 34.14
C ASP D 4 -10.86 19.60 35.23
N LYS D 5 -10.34 18.41 34.87
CA LYS D 5 -9.67 17.56 35.84
C LYS D 5 -8.29 18.10 36.20
N LEU D 6 -7.62 18.75 35.24
CA LEU D 6 -6.32 19.35 35.52
C LEU D 6 -6.47 20.54 36.48
N GLU D 7 -7.55 21.30 36.31
CA GLU D 7 -7.83 22.41 37.20
C GLU D 7 -8.20 21.93 38.60
N LEU D 8 -8.87 20.79 38.66
CA LEU D 8 -9.20 20.15 39.95
C LEU D 8 -7.92 19.82 40.71
N VAL D 9 -6.92 19.28 40.03
CA VAL D 9 -5.67 18.87 40.64
C VAL D 9 -4.86 20.07 41.13
N ASN D 10 -4.73 21.10 40.30
CA ASN D 10 -3.99 22.30 40.71
C ASN D 10 -4.67 23.08 41.82
N ASP D 11 -6.00 23.05 41.85
CA ASP D 11 -6.71 23.68 42.94
C ASP D 11 -6.62 22.84 44.20
N GLY D 12 -6.65 21.52 44.04
CA GLY D 12 -6.40 20.59 45.12
C GLY D 12 -5.04 20.82 45.79
N LEU D 13 -4.00 21.06 44.98
CA LEU D 13 -2.66 21.34 45.49
C LEU D 13 -2.56 22.66 46.25
N ASN D 14 -3.20 23.72 45.74
CA ASN D 14 -3.20 25.01 46.40
C ASN D 14 -3.96 24.97 47.71
N ILE D 15 -4.92 24.06 47.82
CA ILE D 15 -5.74 24.01 49.02
C ILE D 15 -4.94 23.35 50.13
N ILE D 16 -4.29 22.24 49.79
CA ILE D 16 -3.39 21.55 50.71
C ILE D 16 -2.20 22.41 51.16
N ASP D 17 -1.70 23.24 50.27
CA ASP D 17 -0.63 24.15 50.62
C ASP D 17 -1.12 25.17 51.64
N PHE D 18 -2.35 25.65 51.47
CA PHE D 18 -2.88 26.71 52.31
C PHE D 18 -3.10 26.15 53.70
N ILE D 19 -3.66 24.95 53.74
CA ILE D 19 -3.91 24.28 55.01
C ILE D 19 -2.63 24.01 55.79
N GLN D 20 -1.63 23.43 55.12
CA GLN D 20 -0.38 23.09 55.76
C GLN D 20 0.38 24.31 56.30
N LYS D 21 0.21 25.45 55.66
CA LYS D 21 0.83 26.69 56.13
C LYS D 21 0.00 27.47 57.19
N ASN D 22 -1.30 27.16 57.33
CA ASN D 22 -2.15 27.93 58.24
C ASN D 22 -2.95 27.03 59.13
N GLN D 23 -2.43 25.84 59.32
CA GLN D 23 -3.19 24.78 59.99
C GLN D 23 -3.67 25.18 61.38
N LYS D 24 -2.84 25.90 62.13
CA LYS D 24 -3.24 26.42 63.46
C LYS D 24 -4.30 27.52 63.47
N GLU D 25 -4.19 28.50 62.58
CA GLU D 25 -5.18 29.57 62.48
C GLU D 25 -6.56 28.98 62.14
N ILE D 26 -6.57 28.06 61.18
CA ILE D 26 -7.78 27.39 60.75
C ILE D 26 -8.36 26.54 61.88
N GLN D 27 -7.50 25.99 62.74
CA GLN D 27 -8.00 25.24 63.88
C GLN D 27 -8.65 26.14 64.94
N LYS D 28 -8.20 27.39 65.06
CA LYS D 28 -8.94 28.36 65.90
C LYS D 28 -10.32 28.64 65.25
N THR D 29 -10.29 28.95 63.96
CA THR D 29 -11.49 29.02 63.13
C THR D 29 -12.45 27.84 63.33
N TYR D 30 -11.90 26.62 63.38
CA TYR D 30 -12.75 25.44 63.42
C TYR D 30 -13.12 25.02 64.85
N GLY D 31 -12.38 25.51 65.85
CA GLY D 31 -12.72 25.23 67.23
C GLY D 31 -11.93 24.12 67.90
N ARG D 32 -11.28 23.26 67.12
CA ARG D 32 -10.45 22.21 67.74
C ARG D 32 -9.35 21.71 66.82
N SER D 33 -8.47 20.88 67.35
CA SER D 33 -7.33 20.46 66.56
C SER D 33 -7.32 18.95 66.35
N SER D 34 -8.04 18.22 67.20
CA SER D 34 -8.14 16.78 67.06
C SER D 34 -9.60 16.36 66.92
N ILE D 35 -9.86 15.37 66.07
CA ILE D 35 -11.23 14.89 65.88
C ILE D 35 -11.78 14.26 67.17
N GLN D 36 -10.88 13.85 68.05
CA GLN D 36 -11.27 13.19 69.30
C GLN D 36 -11.76 14.20 70.34
N GLN D 37 -11.56 15.47 70.02
CA GLN D 37 -11.96 16.61 70.83
C GLN D 37 -13.41 17.01 70.67
N PRO D 38 -14.07 17.38 71.77
CA PRO D 38 -15.41 17.99 71.70
C PRO D 38 -15.41 19.28 70.87
N SER D 39 -16.40 19.42 69.98
CA SER D 39 -16.44 20.58 69.10
C SER D 39 -17.41 21.64 69.62
N ILE D 40 -17.01 22.91 69.52
CA ILE D 40 -17.80 24.05 70.03
C ILE D 40 -17.04 25.36 69.85
N GLY E 1 -25.66 -5.25 -23.80
CA GLY E 1 -25.68 -3.81 -23.62
C GLY E 1 -24.43 -3.28 -22.95
N ALA E 2 -24.59 -2.24 -22.14
CA ALA E 2 -23.46 -1.63 -21.44
C ALA E 2 -23.32 -2.21 -20.03
N MET E 3 -24.44 -2.40 -19.36
CA MET E 3 -24.44 -2.98 -18.02
C MET E 3 -24.05 -4.46 -18.06
N ASP E 4 -24.28 -5.09 -19.20
CA ASP E 4 -23.76 -6.43 -19.40
C ASP E 4 -22.26 -6.37 -19.57
N LYS E 5 -21.80 -5.40 -20.36
CA LYS E 5 -20.39 -5.24 -20.67
C LYS E 5 -19.59 -4.93 -19.40
N LEU E 6 -20.16 -4.05 -18.58
CA LEU E 6 -19.52 -3.65 -17.34
C LEU E 6 -19.43 -4.85 -16.40
N GLU E 7 -20.43 -5.73 -16.45
CA GLU E 7 -20.39 -6.97 -15.69
C GLU E 7 -19.29 -7.90 -16.19
N LEU E 8 -19.11 -7.98 -17.50
CA LEU E 8 -18.06 -8.81 -18.05
C LEU E 8 -16.68 -8.30 -17.62
N VAL E 9 -16.52 -6.98 -17.62
CA VAL E 9 -15.25 -6.37 -17.29
C VAL E 9 -14.91 -6.59 -15.82
N ASN E 10 -15.92 -6.45 -14.97
CA ASN E 10 -15.71 -6.67 -13.55
C ASN E 10 -15.53 -8.14 -13.18
N ASP E 11 -16.18 -9.04 -13.89
CA ASP E 11 -16.02 -10.45 -13.58
C ASP E 11 -14.71 -10.93 -14.16
N GLY E 12 -14.36 -10.41 -15.34
CA GLY E 12 -13.07 -10.71 -15.94
C GLY E 12 -11.95 -10.41 -14.95
N LEU E 13 -12.06 -9.29 -14.26
CA LEU E 13 -11.04 -8.88 -13.31
C LEU E 13 -11.00 -9.86 -12.14
N ASN E 14 -12.16 -10.25 -11.62
CA ASN E 14 -12.21 -11.23 -10.54
C ASN E 14 -11.64 -12.61 -10.92
N ILE E 15 -11.85 -13.03 -12.16
CA ILE E 15 -11.34 -14.31 -12.65
C ILE E 15 -9.82 -14.32 -12.72
N ILE E 16 -9.25 -13.26 -13.29
CA ILE E 16 -7.81 -13.13 -13.38
C ILE E 16 -7.17 -13.04 -12.00
N ASP E 17 -7.81 -12.32 -11.09
CA ASP E 17 -7.34 -12.24 -9.71
C ASP E 17 -7.23 -13.64 -9.09
N PHE E 18 -8.25 -14.47 -9.30
CA PHE E 18 -8.24 -15.84 -8.78
C PHE E 18 -7.10 -16.67 -9.35
N ILE E 19 -6.94 -16.59 -10.67
CA ILE E 19 -5.94 -17.35 -11.42
C ILE E 19 -4.56 -17.01 -10.95
N GLN E 20 -4.27 -15.73 -10.83
CA GLN E 20 -2.94 -15.26 -10.41
C GLN E 20 -2.59 -15.65 -8.95
N LYS E 21 -3.55 -15.55 -8.04
CA LYS E 21 -3.31 -15.94 -6.64
C LYS E 21 -3.15 -17.44 -6.48
N ASN E 22 -3.79 -18.21 -7.34
CA ASN E 22 -3.81 -19.65 -7.17
C ASN E 22 -3.08 -20.38 -8.30
N GLN E 23 -2.19 -19.65 -8.98
CA GLN E 23 -1.60 -20.16 -10.21
C GLN E 23 -0.81 -21.47 -10.02
N LYS E 24 -0.05 -21.59 -8.94
CA LYS E 24 0.66 -22.85 -8.64
C LYS E 24 -0.27 -24.01 -8.28
N GLU E 25 -1.28 -23.78 -7.45
CA GLU E 25 -2.25 -24.83 -7.15
C GLU E 25 -3.01 -25.29 -8.41
N ILE E 26 -3.38 -24.35 -9.29
CA ILE E 26 -4.15 -24.70 -10.48
C ILE E 26 -3.32 -25.50 -11.48
N GLN E 27 -2.08 -25.07 -11.71
CA GLN E 27 -1.13 -25.86 -12.51
C GLN E 27 -0.91 -27.24 -11.90
N LYS E 28 -0.94 -27.33 -10.58
CA LYS E 28 -0.70 -28.59 -9.89
C LYS E 28 -1.84 -29.54 -10.17
N THR E 29 -3.04 -28.99 -10.17
CA THR E 29 -4.24 -29.75 -10.46
C THR E 29 -4.29 -30.07 -11.95
N TYR E 30 -4.18 -29.03 -12.78
CA TYR E 30 -4.18 -29.18 -14.23
C TYR E 30 -3.13 -30.17 -14.73
N GLY E 31 -2.00 -30.23 -14.04
CA GLY E 31 -0.96 -31.17 -14.38
C GLY E 31 0.18 -30.66 -15.25
N ARG E 32 0.19 -29.36 -15.54
CA ARG E 32 1.37 -28.80 -16.21
C ARG E 32 1.50 -27.30 -16.02
N SER E 33 2.71 -26.80 -16.20
CA SER E 33 2.99 -25.38 -16.02
C SER E 33 3.23 -24.66 -17.34
N SER E 34 3.56 -25.41 -18.39
CA SER E 34 3.80 -24.81 -19.70
C SER E 34 2.94 -25.44 -20.79
N ILE E 35 2.69 -24.69 -21.85
CA ILE E 35 1.86 -25.19 -22.93
C ILE E 35 2.59 -26.24 -23.78
N GLN E 36 3.92 -26.21 -23.75
CA GLN E 36 4.70 -27.11 -24.59
C GLN E 36 4.94 -28.45 -23.89
N GLN E 37 4.61 -28.51 -22.61
CA GLN E 37 4.59 -29.78 -21.88
C GLN E 37 3.41 -30.64 -22.32
N PRO E 38 3.58 -31.96 -22.40
CA PRO E 38 2.54 -32.91 -22.81
C PRO E 38 1.35 -32.97 -21.85
N SER E 39 0.13 -32.95 -22.41
CA SER E 39 -1.11 -33.09 -21.62
C SER E 39 -2.28 -33.44 -22.53
N ALA F 2 16.99 15.52 -10.90
CA ALA F 2 18.31 15.37 -10.28
C ALA F 2 18.82 16.73 -9.79
N MET F 3 18.26 17.79 -10.36
CA MET F 3 18.63 19.14 -9.97
C MET F 3 17.98 19.54 -8.66
N ASP F 4 16.73 19.12 -8.43
CA ASP F 4 16.09 19.35 -7.14
C ASP F 4 16.87 18.62 -6.03
N LYS F 5 17.45 17.49 -6.38
CA LYS F 5 18.16 16.68 -5.42
C LYS F 5 19.50 17.31 -5.04
N LEU F 6 20.14 17.93 -6.00
CA LEU F 6 21.42 18.56 -5.75
C LEU F 6 21.27 19.82 -4.91
N GLU F 7 20.17 20.54 -5.12
CA GLU F 7 19.87 21.69 -4.28
C GLU F 7 19.59 21.23 -2.87
N LEU F 8 18.82 20.15 -2.75
CA LEU F 8 18.50 19.58 -1.45
C LEU F 8 19.74 19.29 -0.60
N VAL F 9 20.73 18.69 -1.25
CA VAL F 9 21.93 18.29 -0.56
C VAL F 9 22.71 19.54 -0.13
N ASN F 10 22.87 20.50 -1.04
CA ASN F 10 23.61 21.70 -0.72
C ASN F 10 22.98 22.52 0.40
N ASP F 11 21.65 22.54 0.45
CA ASP F 11 20.98 23.30 1.47
C ASP F 11 21.02 22.56 2.80
N GLY F 12 20.95 21.23 2.73
CA GLY F 12 21.04 20.39 3.90
C GLY F 12 22.39 20.51 4.59
N LEU F 13 23.45 20.67 3.81
CA LEU F 13 24.78 20.86 4.39
C LEU F 13 24.82 22.17 5.15
N ASN F 14 24.38 23.26 4.51
CA ASN F 14 24.32 24.56 5.16
C ASN F 14 23.55 24.52 6.47
N ILE F 15 22.44 23.79 6.48
CA ILE F 15 21.57 23.71 7.64
C ILE F 15 22.29 23.07 8.80
N ILE F 16 22.89 21.93 8.53
CA ILE F 16 23.69 21.22 9.53
C ILE F 16 24.87 22.06 10.01
N ASP F 17 25.45 22.85 9.12
CA ASP F 17 26.54 23.69 9.54
C ASP F 17 26.01 24.77 10.45
N PHE F 18 24.81 25.28 10.17
CA PHE F 18 24.27 26.31 11.01
C PHE F 18 23.92 25.76 12.38
N ILE F 19 23.22 24.62 12.41
CA ILE F 19 22.84 23.97 13.65
C ILE F 19 24.06 23.77 14.57
N GLN F 20 25.17 23.29 14.00
CA GLN F 20 26.31 22.88 14.82
C GLN F 20 27.20 24.06 15.26
N LYS F 21 27.34 25.06 14.40
CA LYS F 21 27.94 26.32 14.78
C LYS F 21 27.22 26.92 15.99
N ASN F 22 25.89 26.78 16.01
CA ASN F 22 25.05 27.51 16.97
C ASN F 22 24.27 26.62 17.92
N GLN F 23 24.79 25.44 18.20
CA GLN F 23 24.03 24.43 18.95
C GLN F 23 23.58 24.94 20.32
N LYS F 24 24.49 25.55 21.07
CA LYS F 24 24.18 26.12 22.37
C LYS F 24 23.06 27.18 22.34
N GLU F 25 23.19 28.15 21.43
CA GLU F 25 22.21 29.24 21.33
C GLU F 25 20.83 28.74 20.94
N ILE F 26 20.79 27.75 20.06
CA ILE F 26 19.52 27.16 19.69
C ILE F 26 18.92 26.43 20.90
N GLN F 27 19.69 25.54 21.53
CA GLN F 27 19.23 24.87 22.74
C GLN F 27 18.65 25.85 23.78
N LYS F 28 19.43 26.88 24.12
CA LYS F 28 18.97 27.90 25.06
C LYS F 28 17.59 28.49 24.68
N THR F 29 17.47 28.97 23.45
CA THR F 29 16.21 29.54 22.97
C THR F 29 15.08 28.49 22.92
N TYR F 30 15.40 27.28 22.48
CA TYR F 30 14.48 26.14 22.45
C TYR F 30 14.08 25.63 23.82
N GLY F 31 14.90 25.92 24.84
CA GLY F 31 14.61 25.49 26.18
C GLY F 31 15.06 24.10 26.62
N ARG F 32 15.79 23.36 25.79
CA ARG F 32 16.42 22.13 26.28
C ARG F 32 17.61 21.66 25.45
N SER F 33 18.40 20.75 26.00
CA SER F 33 19.57 20.22 25.31
C SER F 33 19.46 18.73 25.07
N SER F 34 18.73 18.04 25.93
CA SER F 34 18.51 16.61 25.74
C SER F 34 17.04 16.28 25.44
N ILE F 35 16.83 15.22 24.65
CA ILE F 35 15.48 14.75 24.35
C ILE F 35 14.85 14.09 25.58
N GLN F 36 15.67 13.73 26.56
CA GLN F 36 15.17 13.03 27.72
C GLN F 36 14.62 13.97 28.78
N GLN F 37 14.93 15.25 28.66
CA GLN F 37 14.43 16.24 29.61
C GLN F 37 13.31 17.08 29.01
N PRO F 38 12.33 17.44 29.83
CA PRO F 38 11.28 18.35 29.36
C PRO F 38 11.80 19.77 29.15
CL CL G . -12.70 -21.56 21.08
CL CL H . -13.28 2.32 11.27
CL CL I . -16.08 22.35 58.79
CL CL J . -5.31 4.47 11.20
BR BR K . -14.86 2.22 50.68
CL CL L . -2.40 12.12 63.76
CL CL M . 16.77 -19.25 -21.97
CL CL N . 17.57 5.37 1.06
BR BR O . -6.27 -12.80 -35.79
#